data_7N78
#
_entry.id   7N78
#
_cell.length_a   1.00
_cell.length_b   1.00
_cell.length_c   1.00
_cell.angle_alpha   90.00
_cell.angle_beta   90.00
_cell.angle_gamma   90.00
#
_symmetry.space_group_name_H-M   'P 1'
#
loop_
_entity.id
_entity.type
_entity.pdbx_description
1 polymer 'Isoform 3 of Polyamine-transporting ATPase 13A2'
2 non-polymer 'PHOSPHATE ION'
3 non-polymer 'MAGNESIUM ION'
4 non-polymer SPERMINE
5 non-polymer 'CHOLESTEROL HEMISUCCINATE'
6 non-polymer 1,2-DIACYL-SN-GLYCERO-3-PHOSPHOCHOLINE
7 non-polymer DODECYL-BETA-D-MALTOSIDE
8 water water
#
_entity_poly.entity_id   1
_entity_poly.type   'polypeptide(L)'
_entity_poly.pdbx_seq_one_letter_code
;MSADSSPLVGSTPTGYGTLTIGTSIDPLSSSVSSVRLSGYCGSPWRVIGYHVVVWMMAGIPLLLFRWKPLWGVRLRLRPC
NLAHAETLVIEIRDKEDSSWQLFTVQVQTEAIGEGSLEPSPQSQAEDGRSQAAVGAVPEGAWKDTAQLHKSEEAKRVLRY
YLFQGQRYIWIETQQAFYQVSLLDHGRSCDDVHRSRHGLSLQDQMVRKAIYGPNVISIPVKSYPQLLVDEALNPYYGFQA
FSIALWLADHYYWYALCIFLISSISICLSLYKTRKQSQTLRDMVKLSMRVCVCRPGGEEEWVDSSELVPGDCLVLPQEGG
LMPCDAALVAGECMVNESSLTGESIPVLKTALPEGLGPYCAETHRRHTLFCGTLILQARAYVGPHVLAVVTRTGFCTAKG
GLVSSILHPRPINFKFYKHSMKFVAALSVLALLGTIYSIFILYRNRVPLNEIVIRALDLVTVVVPPALPAAMTVCTLYAQ
SRLRRQGIFCIHPLRINLGGKLQLVCFDKTGTLTEDGLDVMGVVPLKGQAFLPLVPEPRRLPVGPLLRALATCHALSRLQ
DTPVGDPMDLKMVESTGWVLEEEPAADSAFGTQVLAVMRPPLWEPQLQAMEEPPVPVSVLHRFPFSSALQRMSVVVAWPG
ATQPEAYVKGSPELVAGLCNPETVPTDFAQMLQSYTAAGYRVVALASKPLPTVPSLEAAQQLTRDTVEGDLSLLGLLVMR
NLLKPQTTPVIQALRRTRIRAVMVTGDNLQTAVTVARGCGMVAPQEHLIIVHATHPERGQPASLEFLPMESPTAVNGVKD
PDQAASYTVEPDPRSRHLALSGPTFGIIVKHFPKLLPKVLVQGTVFARMAPEQKTELVCELQKLQYCVGMCGDGANDCGA
LKAADVGISLSQAEASVVSPFTSSMASIECVPMVIREGRCSLDTSFSVFKYMALYSLTQFISVLILYTINTNLGDLQFLA
IDLVITTTVAVLMSRTGPALVLGRVRPPGALLSVPVLSSLLLQMVLVTGVQLGGYFLTLAQPWFVPLNRTVAAPDNLPNY
ENTVVFSLSSFQYLILAAAVSKGAPFRRPLYTNVPFLVALALLSSVLVGLVLVPGLLQGPLALRNITDTGFKLLLLGLVT
LNFVGAFMLESVLDQCLPACLRRLRPKRASKKRFKQLERELAEQPWPPLPAGPLR
;
_entity_poly.pdbx_strand_id   A
#
loop_
_chem_comp.id
_chem_comp.type
_chem_comp.name
_chem_comp.formula
LMT D-saccharide DODECYL-BETA-D-MALTOSIDE 'C24 H46 O11'
MG non-polymer 'MAGNESIUM ION' 'Mg 2'
PC1 non-polymer 1,2-DIACYL-SN-GLYCERO-3-PHOSPHOCHOLINE 'C44 H88 N O8 P'
PO4 non-polymer 'PHOSPHATE ION' 'O4 P -3'
SPM non-polymer SPERMINE 'C10 H26 N4'
Y01 non-polymer 'CHOLESTEROL HEMISUCCINATE' 'C31 H50 O4'
#
# COMPACT_ATOMS: atom_id res chain seq x y z
N SER A 34 23.56 10.00 -9.16
CA SER A 34 24.22 10.55 -10.34
C SER A 34 23.49 10.15 -11.61
N VAL A 35 23.50 11.05 -12.60
CA VAL A 35 22.80 10.85 -13.85
C VAL A 35 23.77 11.08 -15.01
N ARG A 36 23.65 10.26 -16.04
CA ARG A 36 24.44 10.37 -17.26
C ARG A 36 23.51 10.49 -18.45
N LEU A 37 23.77 11.45 -19.33
CA LEU A 37 22.93 11.74 -20.48
C LEU A 37 23.65 11.34 -21.76
N SER A 38 22.90 10.75 -22.69
CA SER A 38 23.43 10.32 -23.98
C SER A 38 22.63 11.01 -25.07
N GLY A 39 23.32 11.80 -25.89
CA GLY A 39 22.69 12.55 -26.96
C GLY A 39 22.67 11.76 -28.25
N TYR A 40 21.46 11.41 -28.71
CA TYR A 40 21.27 10.58 -29.88
C TYR A 40 20.33 11.29 -30.85
N CYS A 41 20.88 11.91 -31.90
CA CYS A 41 20.06 12.46 -32.96
C CYS A 41 19.72 11.35 -33.96
N GLY A 42 19.01 11.68 -35.03
CA GLY A 42 18.48 10.69 -35.93
C GLY A 42 19.00 10.84 -37.35
N SER A 43 19.01 9.72 -38.07
CA SER A 43 19.38 9.69 -39.48
C SER A 43 18.29 8.92 -40.22
N PRO A 44 17.68 9.51 -41.26
CA PRO A 44 16.55 8.82 -41.92
C PRO A 44 16.91 7.50 -42.55
N TRP A 45 18.05 7.43 -43.24
CA TRP A 45 18.50 6.14 -43.78
C TRP A 45 18.72 5.13 -42.67
N ARG A 46 19.34 5.57 -41.58
CA ARG A 46 19.51 4.70 -40.42
C ARG A 46 18.15 4.30 -39.85
N VAL A 47 17.17 5.20 -39.88
CA VAL A 47 15.86 4.89 -39.33
C VAL A 47 15.19 3.79 -40.14
N ILE A 48 15.16 3.93 -41.46
CA ILE A 48 14.51 2.93 -42.29
C ILE A 48 15.28 1.61 -42.24
N GLY A 49 16.61 1.69 -42.14
CA GLY A 49 17.40 0.47 -41.99
C GLY A 49 17.07 -0.26 -40.71
N TYR A 50 17.00 0.47 -39.60
CA TYR A 50 16.63 -0.15 -38.33
C TYR A 50 15.25 -0.78 -38.42
N HIS A 51 14.28 -0.04 -38.97
CA HIS A 51 12.92 -0.55 -39.07
C HIS A 51 12.89 -1.86 -39.85
N VAL A 52 13.56 -1.90 -41.01
CA VAL A 52 13.50 -3.10 -41.83
C VAL A 52 14.24 -4.25 -41.18
N VAL A 53 15.41 -3.99 -40.58
CA VAL A 53 16.19 -5.07 -40.00
C VAL A 53 15.52 -5.64 -38.76
N VAL A 54 14.71 -4.84 -38.07
CA VAL A 54 14.01 -5.37 -36.89
C VAL A 54 12.64 -5.93 -37.21
N TRP A 55 12.05 -5.57 -38.35
CA TRP A 55 10.74 -6.08 -38.71
C TRP A 55 10.81 -7.29 -39.64
N MET A 56 11.49 -7.16 -40.78
CA MET A 56 11.48 -8.23 -41.77
C MET A 56 12.25 -9.45 -41.28
N MET A 57 13.35 -9.24 -40.56
CA MET A 57 14.17 -10.36 -40.12
C MET A 57 13.40 -11.27 -39.16
N ALA A 58 13.06 -10.76 -37.99
CA ALA A 58 12.31 -11.51 -36.99
C ALA A 58 11.83 -10.56 -35.92
N GLY A 59 10.93 -11.05 -35.07
CA GLY A 59 10.45 -10.27 -33.93
C GLY A 59 11.34 -10.33 -32.71
N ILE A 60 12.35 -11.20 -32.71
CA ILE A 60 13.24 -11.31 -31.55
C ILE A 60 14.02 -10.03 -31.29
N PRO A 61 14.56 -9.32 -32.30
CA PRO A 61 15.34 -8.11 -31.98
C PRO A 61 14.57 -7.06 -31.20
N LEU A 62 13.32 -6.78 -31.58
CA LEU A 62 12.53 -5.79 -30.86
C LEU A 62 12.30 -6.24 -29.41
N LEU A 63 12.13 -7.54 -29.21
CA LEU A 63 11.93 -8.06 -27.85
C LEU A 63 13.20 -7.90 -27.02
N LEU A 64 14.35 -8.27 -27.58
CA LEU A 64 15.60 -8.19 -26.81
C LEU A 64 15.95 -6.72 -26.55
N PHE A 65 15.57 -5.84 -27.47
CA PHE A 65 15.77 -4.40 -27.25
C PHE A 65 14.80 -3.86 -26.21
N ARG A 66 13.59 -4.42 -26.14
CA ARG A 66 12.70 -4.11 -25.02
C ARG A 66 13.35 -4.53 -23.71
N TRP A 67 14.08 -5.65 -23.71
CA TRP A 67 14.83 -6.05 -22.53
C TRP A 67 15.96 -5.07 -22.24
N LYS A 68 16.71 -4.68 -23.27
CA LYS A 68 17.83 -3.75 -23.13
C LYS A 68 17.73 -2.67 -24.21
N PRO A 69 17.17 -1.51 -23.89
CA PRO A 69 16.98 -0.47 -24.92
C PRO A 69 18.25 0.24 -25.33
N LEU A 70 19.38 0.03 -24.64
CA LEU A 70 20.61 0.71 -25.01
C LEU A 70 21.09 0.28 -26.38
N TRP A 71 21.10 -1.03 -26.64
CA TRP A 71 21.47 -1.51 -27.97
C TRP A 71 20.52 -0.96 -29.04
N GLY A 72 19.22 -0.93 -28.73
CA GLY A 72 18.26 -0.45 -29.70
C GLY A 72 18.45 1.01 -30.05
N VAL A 73 18.76 1.84 -29.06
CA VAL A 73 18.95 3.26 -29.33
C VAL A 73 20.32 3.52 -29.93
N ARG A 74 21.29 2.63 -29.66
CA ARG A 74 22.59 2.74 -30.31
C ARG A 74 22.50 2.43 -31.79
N LEU A 75 21.72 1.41 -32.15
CA LEU A 75 21.59 1.05 -33.56
C LEU A 75 20.64 1.98 -34.29
N ARG A 76 19.55 2.39 -33.63
CA ARG A 76 18.51 3.17 -34.30
C ARG A 76 18.94 4.61 -34.52
N LEU A 77 19.58 5.23 -33.54
CA LEU A 77 19.97 6.63 -33.62
C LEU A 77 21.47 6.78 -33.36
N ARG A 78 22.08 7.72 -34.09
CA ARG A 78 23.51 7.98 -34.00
C ARG A 78 23.83 8.93 -32.85
N PRO A 79 25.00 8.79 -32.23
CA PRO A 79 25.36 9.68 -31.13
C PRO A 79 25.66 11.08 -31.62
N CYS A 80 25.06 12.07 -30.96
CA CYS A 80 25.25 13.48 -31.27
C CYS A 80 25.54 14.26 -29.99
N ASN A 81 25.88 15.54 -30.15
CA ASN A 81 26.10 16.39 -29.00
C ASN A 81 24.77 16.72 -28.32
N LEU A 82 24.86 17.07 -27.03
CA LEU A 82 23.66 17.33 -26.24
C LEU A 82 22.87 18.54 -26.73
N ALA A 83 23.50 19.42 -27.52
CA ALA A 83 22.81 20.60 -28.02
C ALA A 83 21.91 20.31 -29.21
N HIS A 84 21.99 19.11 -29.80
CA HIS A 84 21.16 18.76 -30.94
C HIS A 84 20.39 17.46 -30.73
N ALA A 85 20.41 16.90 -29.53
CA ALA A 85 19.81 15.58 -29.30
C ALA A 85 18.29 15.66 -29.38
N GLU A 86 17.70 14.71 -30.10
CA GLU A 86 16.26 14.50 -30.10
C GLU A 86 15.88 13.28 -29.28
N THR A 87 16.85 12.69 -28.57
CA THR A 87 16.60 11.55 -27.71
C THR A 87 17.66 11.52 -26.63
N LEU A 88 17.25 11.20 -25.42
CA LEU A 88 18.13 11.08 -24.26
C LEU A 88 18.06 9.70 -23.66
N VAL A 89 19.18 9.26 -23.12
CA VAL A 89 19.27 8.01 -22.37
C VAL A 89 19.61 8.40 -20.93
N ILE A 90 18.61 8.36 -20.07
CA ILE A 90 18.77 8.78 -18.68
C ILE A 90 19.13 7.55 -17.85
N GLU A 91 20.29 7.60 -17.21
CA GLU A 91 20.80 6.51 -16.37
C GLU A 91 20.95 7.01 -14.95
N ILE A 92 20.53 6.18 -13.99
CA ILE A 92 20.46 6.57 -12.59
C ILE A 92 21.47 5.78 -11.78
N TRP A 100 23.67 0.64 -13.59
CA TRP A 100 22.79 1.79 -13.72
C TRP A 100 21.42 1.36 -14.23
N GLN A 101 20.53 2.33 -14.39
CA GLN A 101 19.17 2.10 -14.87
C GLN A 101 19.00 2.86 -16.18
N LEU A 102 18.46 2.19 -17.19
CA LEU A 102 18.28 2.82 -18.48
C LEU A 102 16.83 3.27 -18.63
N PHE A 103 16.66 4.54 -18.94
CA PHE A 103 15.40 5.12 -19.37
C PHE A 103 15.73 5.92 -20.61
N THR A 104 14.78 6.11 -21.49
CA THR A 104 14.98 6.95 -22.66
C THR A 104 13.83 7.92 -22.74
N VAL A 105 14.12 9.16 -23.09
CA VAL A 105 13.14 10.24 -23.09
C VAL A 105 13.43 11.20 -24.21
N GLN A 106 12.43 11.48 -25.02
CA GLN A 106 12.67 12.30 -26.18
C GLN A 106 12.67 13.77 -25.83
N VAL A 107 13.67 14.49 -26.32
CA VAL A 107 13.76 15.91 -26.10
C VAL A 107 12.73 16.64 -26.95
N GLN A 108 11.89 17.45 -26.32
CA GLN A 108 10.76 18.07 -26.98
C GLN A 108 10.99 19.56 -27.07
N THR A 109 10.58 20.20 -28.16
CA THR A 109 10.82 21.62 -28.33
C THR A 109 9.51 22.37 -28.49
N GLU A 110 9.46 23.58 -27.93
CA GLU A 110 8.30 24.47 -28.09
C GLU A 110 8.71 25.82 -28.66
N VAL A 157 13.42 28.95 -29.14
CA VAL A 157 12.52 27.91 -28.65
C VAL A 157 13.18 27.25 -27.47
N LEU A 158 12.44 26.40 -26.76
CA LEU A 158 12.92 25.84 -25.51
C LEU A 158 12.84 24.33 -25.57
N ARG A 159 13.99 23.69 -25.57
CA ARG A 159 14.07 22.23 -25.61
C ARG A 159 14.00 21.69 -24.18
N TYR A 160 13.05 20.81 -23.94
CA TYR A 160 12.87 20.26 -22.61
C TYR A 160 12.57 18.78 -22.71
N TYR A 161 12.61 18.10 -21.56
CA TYR A 161 12.21 16.71 -21.49
C TYR A 161 11.65 16.44 -20.10
N LEU A 162 10.75 15.46 -20.02
CA LEU A 162 10.08 15.11 -18.77
C LEU A 162 10.54 13.72 -18.35
N PHE A 163 11.31 13.65 -17.27
CA PHE A 163 11.76 12.38 -16.72
C PHE A 163 11.06 12.18 -15.37
N GLN A 164 10.12 11.24 -15.33
CA GLN A 164 9.36 10.93 -14.12
C GLN A 164 8.56 12.15 -13.65
N GLY A 165 7.93 12.84 -14.60
CA GLY A 165 7.08 13.97 -14.29
C GLY A 165 7.77 15.30 -14.13
N GLN A 166 9.02 15.29 -13.67
CA GLN A 166 9.75 16.52 -13.43
C GLN A 166 10.36 17.03 -14.73
N ARG A 167 10.11 18.30 -15.03
CA ARG A 167 10.62 18.87 -16.26
C ARG A 167 12.10 19.22 -16.13
N TYR A 168 12.80 19.20 -17.27
CA TYR A 168 14.16 19.68 -17.36
C TYR A 168 14.25 20.51 -18.63
N ILE A 169 14.68 21.75 -18.53
CA ILE A 169 14.76 22.62 -19.69
C ILE A 169 16.22 22.78 -20.13
N TRP A 170 16.42 23.32 -21.32
CA TRP A 170 17.72 23.50 -21.91
C TRP A 170 18.11 24.97 -21.86
N ILE A 171 19.13 25.28 -21.08
CA ILE A 171 19.70 26.63 -21.01
C ILE A 171 20.82 26.70 -22.03
N GLU A 172 20.64 27.55 -23.05
CA GLU A 172 21.62 27.62 -24.13
C GLU A 172 22.95 28.18 -23.65
N THR A 173 22.94 29.02 -22.61
CA THR A 173 24.15 29.72 -22.21
C THR A 173 25.18 28.75 -21.65
N GLN A 174 24.84 28.04 -20.58
CA GLN A 174 25.77 27.13 -19.93
C GLN A 174 25.64 25.68 -20.36
N GLN A 175 24.80 25.40 -21.35
CA GLN A 175 24.81 24.13 -22.08
C GLN A 175 24.61 22.93 -21.16
N ALA A 176 23.44 22.86 -20.54
CA ALA A 176 23.09 21.73 -19.68
C ALA A 176 21.58 21.68 -19.53
N PHE A 177 21.09 20.55 -19.02
CA PHE A 177 19.68 20.34 -18.72
C PHE A 177 19.46 20.59 -17.24
N TYR A 178 18.72 21.66 -16.92
CA TYR A 178 18.46 22.04 -15.55
C TYR A 178 17.00 21.81 -15.20
N GLN A 179 16.75 21.12 -14.09
CA GLN A 179 15.40 20.89 -13.64
C GLN A 179 14.70 22.22 -13.39
N VAL A 180 13.39 22.25 -13.64
CA VAL A 180 12.65 23.50 -13.50
C VAL A 180 12.54 23.93 -12.04
N SER A 181 12.56 22.97 -11.12
CA SER A 181 12.49 23.31 -9.70
C SER A 181 13.65 24.18 -9.27
N LEU A 182 14.77 24.14 -9.99
CA LEU A 182 15.97 24.85 -9.61
C LEU A 182 16.20 26.13 -10.39
N LEU A 183 15.18 26.68 -11.03
CA LEU A 183 15.36 27.97 -11.72
C LEU A 183 15.36 29.12 -10.72
N ASP A 184 14.26 29.28 -9.97
CA ASP A 184 14.16 30.32 -8.95
C ASP A 184 14.52 29.81 -7.56
N HIS A 185 15.12 28.63 -7.46
CA HIS A 185 15.47 28.09 -6.16
C HIS A 185 16.51 28.96 -5.47
N GLY A 186 16.23 29.32 -4.22
CA GLY A 186 17.15 30.11 -3.41
C GLY A 186 16.93 31.60 -3.44
N ARG A 187 15.82 32.08 -4.00
CA ARG A 187 15.59 33.51 -4.03
C ARG A 187 15.12 34.00 -2.66
N SER A 188 15.30 35.30 -2.43
CA SER A 188 15.07 35.88 -1.12
C SER A 188 13.59 36.17 -0.91
N CYS A 189 13.21 36.35 0.37
CA CYS A 189 11.85 36.73 0.70
C CYS A 189 11.46 38.05 0.08
N ASP A 190 12.42 38.94 -0.14
CA ASP A 190 12.12 40.22 -0.77
C ASP A 190 11.71 40.02 -2.22
N ASP A 191 12.23 38.97 -2.88
CA ASP A 191 11.79 38.67 -4.24
C ASP A 191 10.33 38.24 -4.25
N VAL A 192 9.96 37.33 -3.34
CA VAL A 192 8.57 36.90 -3.23
C VAL A 192 7.67 38.07 -2.90
N HIS A 193 8.17 39.04 -2.14
CA HIS A 193 7.35 40.21 -1.81
C HIS A 193 7.22 41.15 -2.99
N ARG A 194 8.28 41.25 -3.80
CA ARG A 194 8.22 42.09 -4.99
C ARG A 194 7.23 41.48 -5.97
N SER A 195 7.13 40.16 -5.96
CA SER A 195 6.20 39.45 -6.85
C SER A 195 4.75 39.72 -6.52
N ARG A 196 4.45 40.53 -5.51
CA ARG A 196 3.07 40.74 -5.08
C ARG A 196 2.27 41.58 -6.07
N HIS A 197 2.93 42.33 -6.94
CA HIS A 197 2.19 43.20 -7.86
C HIS A 197 1.45 42.39 -8.90
N GLY A 198 2.05 41.31 -9.38
CA GLY A 198 1.46 40.46 -10.39
C GLY A 198 2.51 39.94 -11.32
N LEU A 199 2.07 39.44 -12.47
CA LEU A 199 2.97 38.91 -13.49
C LEU A 199 2.49 39.36 -14.86
N SER A 200 3.39 39.93 -15.66
CA SER A 200 3.03 40.35 -17.00
C SER A 200 2.63 39.15 -17.85
N LEU A 201 1.61 39.35 -18.69
CA LEU A 201 1.04 38.23 -19.43
C LEU A 201 2.07 37.62 -20.38
N GLN A 202 2.96 38.42 -20.95
CA GLN A 202 4.08 37.88 -21.72
C GLN A 202 5.02 37.07 -20.86
N ASP A 203 5.35 37.57 -19.68
CA ASP A 203 6.15 36.77 -18.76
C ASP A 203 5.38 35.57 -18.28
N GLN A 204 4.05 35.67 -18.21
CA GLN A 204 3.25 34.49 -17.92
C GLN A 204 3.36 33.46 -19.02
N MET A 205 3.43 33.90 -20.28
CA MET A 205 3.64 32.97 -21.38
C MET A 205 5.01 32.31 -21.29
N VAL A 206 6.04 33.09 -21.00
CA VAL A 206 7.38 32.52 -20.88
C VAL A 206 7.43 31.49 -19.75
N ARG A 207 6.83 31.81 -18.60
CA ARG A 207 6.89 30.90 -17.46
C ARG A 207 5.95 29.71 -17.63
N LYS A 208 4.90 29.83 -18.45
CA LYS A 208 4.09 28.67 -18.77
C LYS A 208 4.78 27.77 -19.77
N ALA A 209 5.63 28.34 -20.63
CA ALA A 209 6.48 27.52 -21.48
C ALA A 209 7.51 26.76 -20.66
N ILE A 210 8.16 27.44 -19.72
CA ILE A 210 9.20 26.80 -18.91
C ILE A 210 8.59 25.78 -17.96
N TYR A 211 7.75 26.23 -17.03
CA TYR A 211 7.23 25.38 -15.98
C TYR A 211 6.11 24.48 -16.42
N GLY A 212 5.49 24.75 -17.56
CA GLY A 212 4.38 23.96 -18.04
C GLY A 212 3.09 24.37 -17.36
N PRO A 213 1.99 23.75 -17.74
CA PRO A 213 0.72 24.05 -17.08
C PRO A 213 0.71 23.52 -15.66
N ASN A 214 -0.07 24.17 -14.81
CA ASN A 214 -0.20 23.80 -13.41
C ASN A 214 -1.22 22.65 -13.30
N VAL A 215 -0.79 21.48 -13.76
CA VAL A 215 -1.59 20.26 -13.68
C VAL A 215 -0.69 19.11 -13.28
N ILE A 216 -1.23 18.18 -12.50
CA ILE A 216 -0.54 16.94 -12.18
C ILE A 216 -1.14 15.89 -13.11
N SER A 217 -0.50 15.70 -14.27
CA SER A 217 -1.06 14.88 -15.33
C SER A 217 -0.56 13.44 -15.20
N ILE A 218 -1.48 12.50 -15.11
CA ILE A 218 -1.18 11.07 -15.19
C ILE A 218 -1.49 10.59 -16.59
N PRO A 219 -0.53 9.99 -17.31
CA PRO A 219 -0.83 9.46 -18.65
C PRO A 219 -1.60 8.16 -18.56
N VAL A 220 -2.79 8.15 -19.15
CA VAL A 220 -3.63 6.96 -19.20
C VAL A 220 -3.35 6.27 -20.52
N LYS A 221 -2.65 5.14 -20.47
CA LYS A 221 -2.22 4.45 -21.67
C LYS A 221 -3.40 3.79 -22.37
N SER A 222 -3.31 3.70 -23.69
CA SER A 222 -4.31 3.00 -24.46
C SER A 222 -4.12 1.49 -24.31
N TYR A 223 -5.16 0.74 -24.70
CA TYR A 223 -5.12 -0.71 -24.52
C TYR A 223 -3.96 -1.37 -25.25
N PRO A 224 -3.62 -1.01 -26.49
CA PRO A 224 -2.39 -1.58 -27.08
C PRO A 224 -1.13 -1.20 -26.33
N GLN A 225 -1.07 0.00 -25.76
CA GLN A 225 0.12 0.42 -25.04
C GLN A 225 0.30 -0.37 -23.75
N LEU A 226 -0.79 -0.80 -23.13
CA LEU A 226 -0.70 -1.69 -21.98
C LEU A 226 -0.45 -3.12 -22.41
N LEU A 227 -0.97 -3.51 -23.58
CA LEU A 227 -0.82 -4.88 -24.05
C LEU A 227 0.62 -5.19 -24.42
N VAL A 228 1.27 -4.28 -25.13
CA VAL A 228 2.68 -4.48 -25.47
C VAL A 228 3.54 -4.51 -24.23
N ASP A 229 3.05 -3.94 -23.14
CA ASP A 229 3.81 -3.95 -21.89
C ASP A 229 3.59 -5.25 -21.12
N GLU A 230 2.36 -5.75 -21.10
CA GLU A 230 2.02 -6.92 -20.30
C GLU A 230 2.09 -8.22 -21.11
N ALA A 231 1.37 -8.29 -22.22
CA ALA A 231 1.25 -9.55 -22.96
C ALA A 231 2.60 -10.09 -23.38
N LEU A 232 3.61 -9.24 -23.51
CA LEU A 232 4.93 -9.75 -23.88
C LEU A 232 5.70 -10.27 -22.69
N ASN A 233 5.03 -10.54 -21.57
CA ASN A 233 5.61 -11.25 -20.45
C ASN A 233 6.25 -12.54 -20.94
N PRO A 234 7.48 -12.87 -20.52
CA PRO A 234 8.08 -14.15 -20.94
C PRO A 234 7.19 -15.36 -20.78
N TYR A 235 6.37 -15.42 -19.72
CA TYR A 235 5.55 -16.60 -19.55
C TYR A 235 4.35 -16.60 -20.48
N TYR A 236 3.81 -15.43 -20.82
CA TYR A 236 2.78 -15.39 -21.85
C TYR A 236 3.35 -15.78 -23.19
N GLY A 237 4.61 -15.46 -23.44
CA GLY A 237 5.26 -15.94 -24.65
C GLY A 237 5.44 -17.43 -24.66
N PHE A 238 5.80 -18.01 -23.52
CA PHE A 238 5.92 -19.46 -23.43
C PHE A 238 4.55 -20.13 -23.59
N GLN A 239 3.51 -19.52 -23.07
CA GLN A 239 2.16 -20.06 -23.25
C GLN A 239 1.73 -19.97 -24.70
N ALA A 240 2.09 -18.90 -25.40
CA ALA A 240 1.77 -18.80 -26.82
C ALA A 240 2.54 -19.83 -27.62
N PHE A 241 3.80 -20.05 -27.29
CA PHE A 241 4.56 -21.12 -27.94
C PHE A 241 3.91 -22.48 -27.69
N SER A 242 3.52 -22.75 -26.45
CA SER A 242 2.87 -24.01 -26.12
C SER A 242 1.58 -24.19 -26.90
N ILE A 243 0.76 -23.15 -26.98
CA ILE A 243 -0.50 -23.25 -27.71
C ILE A 243 -0.25 -23.49 -29.18
N ALA A 244 0.75 -22.82 -29.76
CA ALA A 244 1.06 -23.04 -31.17
C ALA A 244 1.53 -24.46 -31.40
N LEU A 245 2.36 -24.98 -30.50
CA LEU A 245 2.84 -26.35 -30.65
C LEU A 245 1.73 -27.36 -30.49
N TRP A 246 0.81 -27.13 -29.54
CA TRP A 246 -0.30 -28.04 -29.33
C TRP A 246 -1.26 -28.01 -30.51
N LEU A 247 -1.46 -26.85 -31.12
CA LEU A 247 -2.25 -26.80 -32.34
C LEU A 247 -1.54 -27.54 -33.46
N ALA A 248 -0.22 -27.46 -33.50
CA ALA A 248 0.55 -28.24 -34.46
C ALA A 248 0.62 -29.71 -34.11
N ASP A 249 0.08 -30.11 -32.96
CA ASP A 249 0.14 -31.49 -32.49
C ASP A 249 -1.24 -32.10 -32.30
N HIS A 250 -2.29 -31.47 -32.83
CA HIS A 250 -3.66 -31.93 -32.70
C HIS A 250 -4.03 -32.13 -31.24
N TYR A 251 -3.80 -31.10 -30.44
CA TYR A 251 -4.16 -31.09 -29.04
C TYR A 251 -5.05 -29.88 -28.77
N TYR A 252 -6.11 -29.73 -29.56
CA TYR A 252 -6.83 -28.48 -29.65
C TYR A 252 -7.54 -28.11 -28.35
N TRP A 253 -7.91 -29.08 -27.54
CA TRP A 253 -8.82 -28.79 -26.43
C TRP A 253 -8.10 -28.12 -25.27
N TYR A 254 -6.99 -28.68 -24.82
CA TYR A 254 -6.23 -28.01 -23.78
C TYR A 254 -5.59 -26.74 -24.29
N ALA A 255 -5.24 -26.69 -25.57
CA ALA A 255 -4.77 -25.45 -26.17
C ALA A 255 -5.83 -24.37 -26.06
N LEU A 256 -7.08 -24.71 -26.37
CA LEU A 256 -8.17 -23.74 -26.28
C LEU A 256 -8.41 -23.33 -24.84
N CYS A 257 -8.35 -24.26 -23.89
CA CYS A 257 -8.55 -23.91 -22.49
C CYS A 257 -7.48 -22.95 -22.01
N ILE A 258 -6.21 -23.24 -22.29
CA ILE A 258 -5.12 -22.37 -21.88
C ILE A 258 -5.20 -21.02 -22.58
N PHE A 259 -5.58 -21.00 -23.85
CA PHE A 259 -5.71 -19.75 -24.56
C PHE A 259 -6.81 -18.89 -23.97
N LEU A 260 -7.96 -19.48 -23.68
CA LEU A 260 -9.05 -18.72 -23.09
C LEU A 260 -8.66 -18.18 -21.72
N ILE A 261 -8.01 -19.01 -20.90
CA ILE A 261 -7.60 -18.58 -19.57
C ILE A 261 -6.65 -17.39 -19.67
N SER A 262 -5.60 -17.51 -20.49
CA SER A 262 -4.63 -16.43 -20.59
C SER A 262 -5.22 -15.19 -21.21
N SER A 263 -6.09 -15.34 -22.20
CA SER A 263 -6.70 -14.18 -22.85
C SER A 263 -7.61 -13.43 -21.89
N ILE A 264 -8.45 -14.13 -21.15
CA ILE A 264 -9.35 -13.48 -20.21
C ILE A 264 -8.56 -12.83 -19.08
N SER A 265 -7.51 -13.49 -18.60
CA SER A 265 -6.69 -12.90 -17.56
C SER A 265 -6.01 -11.63 -18.05
N ILE A 266 -5.49 -11.64 -19.27
CA ILE A 266 -4.84 -10.47 -19.84
C ILE A 266 -5.83 -9.32 -20.01
N CYS A 267 -7.00 -9.61 -20.54
CA CYS A 267 -7.98 -8.54 -20.73
C CYS A 267 -8.46 -7.98 -19.40
N LEU A 268 -8.65 -8.84 -18.40
CA LEU A 268 -9.05 -8.35 -17.08
C LEU A 268 -7.97 -7.48 -16.46
N SER A 269 -6.72 -7.88 -16.60
CA SER A 269 -5.63 -7.06 -16.06
C SER A 269 -5.52 -5.73 -16.78
N LEU A 270 -5.70 -5.72 -18.10
CA LEU A 270 -5.68 -4.46 -18.84
C LEU A 270 -6.80 -3.54 -18.39
N TYR A 271 -8.01 -4.09 -18.23
CA TYR A 271 -9.13 -3.28 -17.76
C TYR A 271 -8.86 -2.73 -16.36
N LYS A 272 -8.33 -3.55 -15.47
CA LYS A 272 -8.03 -3.10 -14.12
C LYS A 272 -7.00 -2.00 -14.12
N THR A 273 -5.92 -2.16 -14.90
CA THR A 273 -4.88 -1.16 -14.95
C THR A 273 -5.39 0.15 -15.51
N ARG A 274 -6.16 0.10 -16.59
CA ARG A 274 -6.69 1.34 -17.16
C ARG A 274 -7.67 1.99 -16.20
N LYS A 275 -8.48 1.21 -15.50
CA LYS A 275 -9.42 1.79 -14.56
C LYS A 275 -8.70 2.46 -13.39
N GLN A 276 -7.61 1.85 -12.91
CA GLN A 276 -6.85 2.47 -11.84
C GLN A 276 -6.21 3.76 -12.30
N SER A 277 -5.62 3.77 -13.50
CA SER A 277 -5.04 5.00 -14.03
C SER A 277 -6.09 6.09 -14.18
N GLN A 278 -7.28 5.73 -14.63
CA GLN A 278 -8.33 6.73 -14.82
C GLN A 278 -8.83 7.26 -13.49
N THR A 279 -8.97 6.40 -12.47
CA THR A 279 -9.40 6.88 -11.17
C THR A 279 -8.34 7.76 -10.52
N LEU A 280 -7.06 7.44 -10.72
CA LEU A 280 -6.01 8.31 -10.21
C LEU A 280 -6.02 9.66 -10.90
N ARG A 281 -6.17 9.68 -12.23
CA ARG A 281 -6.21 10.93 -12.97
C ARG A 281 -7.43 11.75 -12.60
N ASP A 282 -8.54 11.10 -12.25
CA ASP A 282 -9.70 11.82 -11.75
C ASP A 282 -9.48 12.30 -10.33
N MET A 283 -8.65 11.59 -9.56
CA MET A 283 -8.37 12.00 -8.19
C MET A 283 -7.55 13.29 -8.15
N VAL A 284 -6.40 13.29 -8.82
CA VAL A 284 -5.48 14.41 -8.71
C VAL A 284 -5.92 15.60 -9.53
N LYS A 285 -6.99 15.45 -10.29
CA LYS A 285 -7.48 16.54 -11.14
C LYS A 285 -8.00 17.68 -10.28
N LEU A 286 -7.60 18.90 -10.62
CA LEU A 286 -8.04 20.10 -9.92
C LEU A 286 -8.23 21.19 -10.97
N SER A 287 -9.48 21.49 -11.28
CA SER A 287 -9.83 22.58 -12.18
C SER A 287 -10.74 23.54 -11.44
N MET A 288 -10.30 24.80 -11.30
CA MET A 288 -11.07 25.79 -10.57
C MET A 288 -10.62 27.17 -11.01
N ARG A 289 -11.52 28.13 -10.91
CA ARG A 289 -11.23 29.49 -11.29
C ARG A 289 -10.54 30.20 -10.13
N VAL A 290 -9.38 30.80 -10.41
CA VAL A 290 -8.62 31.52 -9.42
C VAL A 290 -8.44 32.96 -9.88
N CYS A 291 -8.21 33.85 -8.93
CA CYS A 291 -8.00 35.26 -9.19
C CYS A 291 -6.53 35.57 -9.06
N VAL A 292 -5.94 36.15 -10.11
CA VAL A 292 -4.52 36.44 -10.15
C VAL A 292 -4.33 37.93 -10.38
N CYS A 293 -3.35 38.52 -9.69
CA CYS A 293 -3.01 39.91 -9.88
C CYS A 293 -2.24 40.09 -11.18
N ARG A 294 -2.48 41.23 -11.83
CA ARG A 294 -1.76 41.60 -13.04
C ARG A 294 -1.15 42.98 -12.86
N PRO A 295 0.05 43.21 -13.38
CA PRO A 295 0.71 44.50 -13.19
C PRO A 295 -0.13 45.65 -13.73
N GLY A 296 -0.17 46.74 -12.96
CA GLY A 296 -1.00 47.87 -13.29
C GLY A 296 -2.32 47.93 -12.53
N GLY A 297 -2.61 46.94 -11.68
CA GLY A 297 -3.80 46.94 -10.88
C GLY A 297 -4.93 46.08 -11.40
N GLU A 298 -4.80 45.49 -12.59
CA GLU A 298 -5.87 44.66 -13.13
C GLU A 298 -5.90 43.30 -12.46
N GLU A 299 -7.10 42.76 -12.30
CA GLU A 299 -7.31 41.42 -11.77
C GLU A 299 -8.13 40.61 -12.77
N GLU A 300 -7.62 39.45 -13.16
CA GLU A 300 -8.30 38.60 -14.12
C GLU A 300 -8.45 37.20 -13.55
N TRP A 301 -9.52 36.54 -13.93
CA TRP A 301 -9.84 35.19 -13.45
C TRP A 301 -9.36 34.17 -14.48
N VAL A 302 -8.33 33.41 -14.12
CA VAL A 302 -7.76 32.40 -15.00
C VAL A 302 -8.02 31.03 -14.39
N ASP A 303 -7.99 30.01 -15.23
CA ASP A 303 -8.10 28.64 -14.75
C ASP A 303 -6.88 28.29 -13.92
N SER A 304 -7.07 27.38 -12.95
CA SER A 304 -5.99 27.05 -12.03
C SER A 304 -4.80 26.42 -12.73
N SER A 305 -4.99 25.92 -13.96
CA SER A 305 -3.89 25.37 -14.73
C SER A 305 -3.04 26.43 -15.39
N GLU A 306 -3.53 27.66 -15.50
CA GLU A 306 -2.78 28.75 -16.10
C GLU A 306 -1.87 29.45 -15.12
N LEU A 307 -1.64 28.87 -13.95
CA LEU A 307 -0.79 29.47 -12.93
C LEU A 307 0.67 29.11 -13.18
N VAL A 308 1.56 30.06 -12.93
CA VAL A 308 2.99 29.87 -13.08
C VAL A 308 3.71 30.49 -11.90
N PRO A 309 4.79 29.92 -11.41
CA PRO A 309 5.51 30.51 -10.29
C PRO A 309 5.86 31.96 -10.53
N GLY A 310 5.31 32.85 -9.70
CA GLY A 310 5.39 34.28 -9.89
C GLY A 310 4.03 34.95 -9.91
N ASP A 311 3.01 34.26 -10.37
CA ASP A 311 1.66 34.78 -10.34
C ASP A 311 1.25 35.09 -8.91
N CYS A 312 0.61 36.24 -8.71
CA CYS A 312 0.16 36.65 -7.38
C CYS A 312 -1.29 36.24 -7.22
N LEU A 313 -1.53 35.11 -6.56
CA LEU A 313 -2.87 34.66 -6.27
C LEU A 313 -3.60 35.63 -5.36
N VAL A 314 -4.87 35.85 -5.62
CA VAL A 314 -5.75 36.60 -4.74
C VAL A 314 -6.72 35.59 -4.12
N LEU A 315 -6.51 35.29 -2.87
CA LEU A 315 -7.28 34.23 -2.22
C LEU A 315 -8.68 34.75 -1.86
N PRO A 316 -9.70 33.94 -2.02
CA PRO A 316 -11.05 34.37 -1.63
C PRO A 316 -11.19 34.48 -0.12
N GLN A 317 -12.11 35.33 0.31
CA GLN A 317 -12.33 35.52 1.74
C GLN A 317 -13.02 34.33 2.37
N GLU A 318 -14.00 33.74 1.67
CA GLU A 318 -14.71 32.59 2.20
C GLU A 318 -13.84 31.34 2.21
N GLY A 319 -12.73 31.34 1.50
CA GLY A 319 -11.80 30.23 1.50
C GLY A 319 -12.17 29.16 0.50
N GLY A 320 -11.17 28.37 0.12
CA GLY A 320 -11.36 27.29 -0.83
C GLY A 320 -10.10 26.47 -0.94
N LEU A 321 -10.16 25.46 -1.80
CA LEU A 321 -9.02 24.59 -2.02
C LEU A 321 -7.85 25.39 -2.58
N MET A 322 -6.64 24.85 -2.40
CA MET A 322 -5.42 25.54 -2.82
C MET A 322 -4.90 24.91 -4.10
N PRO A 323 -4.71 25.68 -5.18
CA PRO A 323 -4.27 25.09 -6.44
C PRO A 323 -2.76 24.92 -6.60
N CYS A 324 -1.94 25.66 -5.84
CA CYS A 324 -0.50 25.64 -6.03
C CYS A 324 0.19 26.13 -4.78
N ASP A 325 1.39 25.61 -4.53
CA ASP A 325 2.19 26.06 -3.40
C ASP A 325 2.46 27.56 -3.49
N ALA A 326 1.86 28.33 -2.61
CA ALA A 326 2.03 29.78 -2.60
C ALA A 326 2.70 30.21 -1.31
N ALA A 327 3.16 31.45 -1.29
CA ALA A 327 3.82 32.04 -0.13
C ALA A 327 3.10 33.33 0.21
N LEU A 328 2.40 33.34 1.33
CA LEU A 328 1.59 34.48 1.72
C LEU A 328 2.43 35.75 1.78
N VAL A 329 2.04 36.76 1.01
CA VAL A 329 2.69 38.06 1.03
C VAL A 329 1.83 39.14 1.65
N ALA A 330 0.58 38.84 2.01
CA ALA A 330 -0.27 39.78 2.70
C ALA A 330 -1.38 39.01 3.40
N GLY A 331 -1.87 39.56 4.50
CA GLY A 331 -2.99 38.97 5.19
C GLY A 331 -2.64 37.73 6.00
N GLU A 332 -3.68 37.08 6.48
CA GLU A 332 -3.55 35.86 7.27
C GLU A 332 -4.61 34.87 6.82
N CYS A 333 -4.33 33.59 7.03
CA CYS A 333 -5.21 32.52 6.60
C CYS A 333 -5.35 31.48 7.70
N MET A 334 -6.45 30.73 7.64
CA MET A 334 -6.64 29.55 8.47
C MET A 334 -6.81 28.37 7.53
N VAL A 335 -5.87 27.43 7.57
CA VAL A 335 -5.78 26.36 6.60
C VAL A 335 -6.09 25.03 7.26
N ASN A 336 -6.80 24.15 6.55
CA ASN A 336 -7.07 22.80 6.98
C ASN A 336 -6.06 21.90 6.28
N GLU A 337 -4.95 21.60 6.96
CA GLU A 337 -3.83 20.88 6.37
C GLU A 337 -3.89 19.39 6.61
N SER A 338 -5.10 18.81 6.68
CA SER A 338 -5.23 17.37 6.86
C SER A 338 -4.65 16.58 5.72
N SER A 339 -4.30 17.24 4.62
CA SER A 339 -3.71 16.53 3.52
C SER A 339 -2.27 16.26 3.92
N LEU A 340 -1.57 17.32 4.29
CA LEU A 340 -0.18 17.19 4.71
C LEU A 340 -0.03 16.51 6.06
N THR A 341 -0.69 17.05 7.08
CA THR A 341 -0.60 16.50 8.43
C THR A 341 -1.65 15.47 8.89
N GLY A 342 -2.71 15.25 8.11
CA GLY A 342 -3.75 14.31 8.50
C GLY A 342 -4.59 14.81 9.65
N GLU A 343 -4.31 16.06 10.05
CA GLU A 343 -4.97 16.78 11.13
C GLU A 343 -5.92 17.86 10.64
N SER A 344 -7.20 17.73 11.00
CA SER A 344 -8.21 18.69 10.57
C SER A 344 -8.17 19.97 11.39
N ILE A 345 -7.28 20.04 12.36
CA ILE A 345 -7.17 21.24 13.19
C ILE A 345 -6.72 22.40 12.30
N PRO A 346 -7.34 23.57 12.49
CA PRO A 346 -7.00 24.77 11.71
C PRO A 346 -5.59 25.24 11.99
N VAL A 347 -4.90 25.70 10.95
CA VAL A 347 -3.54 26.20 11.07
C VAL A 347 -3.52 27.67 10.68
N LEU A 348 -2.76 28.47 11.40
CA LEU A 348 -2.67 29.90 11.12
C LEU A 348 -1.45 30.15 10.24
N LYS A 349 -1.67 30.75 9.08
CA LYS A 349 -0.60 31.16 8.18
C LYS A 349 -0.56 32.67 8.10
N THR A 350 0.61 33.25 8.34
CA THR A 350 0.78 34.68 8.33
C THR A 350 1.65 35.09 7.14
N ALA A 351 1.59 36.38 6.80
CA ALA A 351 2.33 36.90 5.66
C ALA A 351 3.83 36.64 5.83
N LEU A 352 4.49 36.43 4.70
CA LEU A 352 5.91 36.17 4.71
C LEU A 352 6.65 37.38 5.25
N PRO A 353 7.64 37.20 6.14
CA PRO A 353 8.38 38.35 6.67
C PRO A 353 9.40 38.84 5.66
N GLU A 354 9.36 40.14 5.36
CA GLU A 354 10.27 40.72 4.40
C GLU A 354 11.70 40.67 4.94
N GLY A 355 12.62 40.18 4.12
CA GLY A 355 14.02 40.09 4.51
C GLY A 355 14.81 39.45 3.39
N LEU A 356 16.12 39.58 3.48
CA LEU A 356 17.02 39.00 2.48
C LEU A 356 17.51 37.64 2.97
N GLY A 357 16.58 36.69 2.99
CA GLY A 357 16.89 35.33 3.34
C GLY A 357 16.23 34.38 2.37
N PRO A 358 16.85 33.23 2.12
CA PRO A 358 16.30 32.29 1.13
C PRO A 358 14.95 31.75 1.58
N TYR A 359 13.94 31.94 0.72
CA TYR A 359 12.62 31.39 1.00
C TYR A 359 12.69 29.87 0.94
N CYS A 360 12.19 29.22 1.99
CA CYS A 360 12.26 27.77 2.11
C CYS A 360 10.92 27.23 2.57
N ALA A 361 10.46 26.15 1.93
CA ALA A 361 9.20 25.53 2.34
C ALA A 361 9.30 24.93 3.73
N GLU A 362 10.50 24.52 4.14
CA GLU A 362 10.67 23.93 5.46
C GLU A 362 10.90 24.97 6.54
N THR A 363 11.60 26.06 6.20
CA THR A 363 11.86 27.11 7.16
C THR A 363 10.66 28.05 7.29
N HIS A 364 10.01 28.38 6.17
CA HIS A 364 8.88 29.30 6.15
C HIS A 364 7.56 28.56 5.99
N ARG A 365 7.41 27.40 6.64
CA ARG A 365 6.21 26.60 6.47
C ARG A 365 4.97 27.27 7.05
N ARG A 366 5.13 28.23 7.95
CA ARG A 366 3.99 28.96 8.48
C ARG A 366 3.56 30.12 7.61
N HIS A 367 4.31 30.45 6.57
CA HIS A 367 3.90 31.46 5.60
C HIS A 367 3.65 30.88 4.24
N THR A 368 3.64 29.56 4.11
CA THR A 368 3.50 28.88 2.84
C THR A 368 2.17 28.13 2.80
N LEU A 369 1.40 28.36 1.75
CA LEU A 369 0.16 27.63 1.51
C LEU A 369 0.45 26.51 0.53
N PHE A 370 0.14 25.28 0.90
CA PHE A 370 0.49 24.13 0.09
C PHE A 370 -0.66 23.69 -0.78
N CYS A 371 -0.33 22.97 -1.85
CA CYS A 371 -1.31 22.54 -2.81
C CYS A 371 -2.11 21.37 -2.26
N GLY A 372 -3.43 21.46 -2.35
CA GLY A 372 -4.33 20.45 -1.84
C GLY A 372 -4.95 20.80 -0.51
N THR A 373 -4.31 21.62 0.29
CA THR A 373 -4.83 21.98 1.59
C THR A 373 -5.96 22.99 1.44
N LEU A 374 -6.99 22.84 2.24
CA LEU A 374 -8.20 23.65 2.15
C LEU A 374 -8.07 24.88 3.03
N ILE A 375 -8.18 26.06 2.43
CA ILE A 375 -8.15 27.31 3.17
C ILE A 375 -9.53 27.55 3.76
N LEU A 376 -9.63 27.57 5.08
CA LEU A 376 -10.92 27.76 5.72
C LEU A 376 -11.38 29.20 5.61
N GLN A 377 -10.52 30.15 5.98
CA GLN A 377 -10.85 31.56 5.87
C GLN A 377 -9.58 32.36 5.74
N ALA A 378 -9.65 33.48 5.03
CA ALA A 378 -8.51 34.35 4.79
C ALA A 378 -8.87 35.79 5.12
N ARG A 379 -8.10 36.41 6.01
CA ARG A 379 -8.36 37.76 6.44
C ARG A 379 -7.29 38.69 5.82
N ALA A 380 -7.71 39.89 5.46
CA ALA A 380 -6.82 40.89 4.87
C ALA A 380 -6.91 42.15 5.73
N TYR A 381 -6.02 42.25 6.72
CA TYR A 381 -6.05 43.39 7.64
C TYR A 381 -5.66 44.67 6.92
N VAL A 382 -4.54 44.65 6.20
CA VAL A 382 -4.11 45.79 5.40
C VAL A 382 -4.28 45.37 3.94
N GLY A 383 -4.78 46.29 3.11
CA GLY A 383 -5.03 46.00 1.72
C GLY A 383 -6.44 45.50 1.51
N PRO A 384 -6.93 45.57 0.27
CA PRO A 384 -8.31 45.15 0.00
C PRO A 384 -8.50 43.64 0.07
N HIS A 385 -7.49 42.85 -0.28
CA HIS A 385 -7.62 41.41 -0.32
C HIS A 385 -6.29 40.75 0.00
N VAL A 386 -6.38 39.51 0.49
CA VAL A 386 -5.20 38.72 0.82
C VAL A 386 -4.49 38.30 -0.47
N LEU A 387 -3.16 38.29 -0.43
CA LEU A 387 -2.35 38.02 -1.60
C LEU A 387 -1.40 36.86 -1.31
N ALA A 388 -1.26 35.96 -2.27
CA ALA A 388 -0.31 34.86 -2.20
C ALA A 388 0.46 34.79 -3.51
N VAL A 389 1.76 34.55 -3.43
CA VAL A 389 2.62 34.50 -4.61
C VAL A 389 2.92 33.05 -4.90
N VAL A 390 2.52 32.57 -6.07
CA VAL A 390 2.74 31.17 -6.44
C VAL A 390 4.23 30.87 -6.44
N THR A 391 4.59 29.72 -5.91
CA THR A 391 5.98 29.29 -5.89
C THR A 391 6.22 27.98 -6.62
N ARG A 392 5.35 27.00 -6.47
CA ARG A 392 5.50 25.72 -7.14
C ARG A 392 4.19 25.34 -7.80
N THR A 393 4.26 24.80 -9.01
CA THR A 393 3.09 24.37 -9.75
C THR A 393 3.34 23.00 -10.36
N GLY A 394 2.29 22.21 -10.46
CA GLY A 394 2.37 20.95 -11.15
C GLY A 394 2.97 19.84 -10.31
N PHE A 395 4.03 19.23 -10.81
CA PHE A 395 4.74 18.20 -10.07
C PHE A 395 5.78 18.77 -9.12
N CYS A 396 5.96 20.09 -9.09
CA CYS A 396 6.88 20.71 -8.17
C CYS A 396 6.31 20.85 -6.77
N THR A 397 4.99 20.83 -6.62
CA THR A 397 4.35 21.02 -5.34
C THR A 397 4.53 19.78 -4.45
N ALA A 398 4.11 19.92 -3.20
CA ALA A 398 4.16 18.78 -2.27
C ALA A 398 3.22 17.68 -2.73
N LYS A 399 1.99 18.03 -3.08
CA LYS A 399 1.08 17.06 -3.69
C LYS A 399 1.68 16.49 -4.96
N GLY A 400 2.35 17.33 -5.75
CA GLY A 400 2.99 16.85 -6.96
C GLY A 400 4.10 15.87 -6.66
N GLY A 401 4.89 16.13 -5.62
CA GLY A 401 5.93 15.20 -5.24
C GLY A 401 5.38 13.88 -4.75
N LEU A 402 4.30 13.92 -3.99
CA LEU A 402 3.66 12.68 -3.54
C LEU A 402 3.10 11.88 -4.72
N VAL A 403 2.46 12.56 -5.68
CA VAL A 403 1.93 11.86 -6.84
C VAL A 403 3.06 11.31 -7.70
N SER A 404 4.19 12.02 -7.76
CA SER A 404 5.33 11.52 -8.52
C SER A 404 5.94 10.31 -7.85
N SER A 405 5.91 10.25 -6.53
CA SER A 405 6.35 9.04 -5.82
C SER A 405 5.38 7.90 -6.07
N ILE A 406 4.08 8.19 -6.12
CA ILE A 406 3.09 7.16 -6.40
C ILE A 406 3.28 6.59 -7.79
N LEU A 407 3.49 7.46 -8.78
CA LEU A 407 3.59 7.01 -10.17
C LEU A 407 4.89 6.26 -10.43
N HIS A 408 6.01 6.78 -9.93
CA HIS A 408 7.33 6.25 -10.22
C HIS A 408 8.01 5.88 -8.91
N PRO A 409 7.79 4.65 -8.41
CA PRO A 409 8.33 4.13 -7.16
C PRO A 409 9.84 4.30 -7.03
N PHE A 416 9.67 -15.47 -2.95
CA PHE A 416 8.67 -16.45 -3.37
C PHE A 416 8.51 -16.45 -4.88
N TYR A 417 8.00 -15.34 -5.43
CA TYR A 417 7.86 -15.23 -6.87
C TYR A 417 9.20 -15.38 -7.56
N LYS A 418 10.26 -14.82 -6.98
CA LYS A 418 11.60 -15.00 -7.53
C LYS A 418 12.03 -16.46 -7.44
N HIS A 419 11.76 -17.11 -6.30
CA HIS A 419 12.04 -18.53 -6.17
C HIS A 419 11.19 -19.36 -7.12
N SER A 420 9.95 -18.92 -7.37
CA SER A 420 9.09 -19.61 -8.33
C SER A 420 9.69 -19.56 -9.73
N MET A 421 10.15 -18.38 -10.15
CA MET A 421 10.77 -18.26 -11.45
C MET A 421 12.08 -19.03 -11.53
N LYS A 422 12.84 -19.06 -10.44
CA LYS A 422 14.07 -19.84 -10.42
C LYS A 422 13.77 -21.33 -10.56
N PHE A 423 12.70 -21.80 -9.92
CA PHE A 423 12.36 -23.21 -10.04
C PHE A 423 11.85 -23.55 -11.43
N VAL A 424 11.09 -22.65 -12.07
CA VAL A 424 10.67 -22.94 -13.44
C VAL A 424 11.86 -22.87 -14.39
N ALA A 425 12.89 -22.10 -14.04
CA ALA A 425 14.11 -22.12 -14.84
C ALA A 425 14.86 -23.45 -14.69
N ALA A 426 14.91 -23.97 -13.46
CA ALA A 426 15.45 -25.32 -13.26
C ALA A 426 14.63 -26.36 -14.02
N LEU A 427 13.30 -26.23 -14.01
CA LEU A 427 12.45 -27.09 -14.82
C LEU A 427 12.77 -26.93 -16.30
N SER A 428 13.16 -25.73 -16.73
CA SER A 428 13.47 -25.50 -18.13
C SER A 428 14.78 -26.17 -18.53
N VAL A 429 15.79 -26.14 -17.66
CA VAL A 429 17.03 -26.82 -18.00
C VAL A 429 16.83 -28.34 -17.96
N LEU A 430 15.99 -28.83 -17.04
CA LEU A 430 15.60 -30.24 -17.07
C LEU A 430 14.85 -30.56 -18.35
N ALA A 431 14.04 -29.63 -18.83
CA ALA A 431 13.36 -29.79 -20.11
C ALA A 431 14.35 -29.94 -21.24
N LEU A 432 15.41 -29.11 -21.24
CA LEU A 432 16.43 -29.21 -22.28
C LEU A 432 17.10 -30.57 -22.26
N LEU A 433 17.46 -31.05 -21.08
CA LEU A 433 18.11 -32.36 -20.99
C LEU A 433 17.17 -33.48 -21.45
N GLY A 434 15.94 -33.49 -20.94
CA GLY A 434 14.99 -34.48 -21.38
C GLY A 434 14.67 -34.40 -22.85
N THR A 435 14.74 -33.19 -23.43
CA THR A 435 14.45 -33.01 -24.84
C THR A 435 15.56 -33.57 -25.70
N ILE A 436 16.82 -33.34 -25.35
CA ILE A 436 17.90 -33.94 -26.14
C ILE A 436 17.87 -35.45 -25.99
N TYR A 437 17.56 -35.96 -24.80
CA TYR A 437 17.43 -37.40 -24.63
C TYR A 437 16.30 -37.95 -25.47
N SER A 438 15.18 -37.24 -25.56
CA SER A 438 14.06 -37.70 -26.35
C SER A 438 14.41 -37.71 -27.82
N ILE A 439 15.12 -36.69 -28.29
CA ILE A 439 15.61 -36.71 -29.67
C ILE A 439 16.46 -37.94 -29.91
N PHE A 440 17.35 -38.27 -28.96
CA PHE A 440 18.18 -39.45 -29.08
C PHE A 440 17.36 -40.71 -29.24
N ILE A 441 16.46 -40.98 -28.29
CA ILE A 441 15.75 -42.26 -28.30
C ILE A 441 14.72 -42.32 -29.42
N LEU A 442 14.16 -41.18 -29.81
CA LEU A 442 13.20 -41.18 -30.90
C LEU A 442 13.89 -41.39 -32.25
N TYR A 443 15.11 -40.89 -32.39
CA TYR A 443 15.89 -41.24 -33.57
C TYR A 443 16.28 -42.71 -33.55
N ARG A 444 16.54 -43.25 -32.36
CA ARG A 444 16.84 -44.68 -32.26
C ARG A 444 15.68 -45.53 -32.73
N ASN A 445 14.44 -45.04 -32.58
CA ASN A 445 13.25 -45.78 -32.95
C ASN A 445 12.77 -45.46 -34.36
N ARG A 446 13.57 -44.74 -35.15
CA ARG A 446 13.28 -44.48 -36.56
C ARG A 446 12.03 -43.64 -36.74
N VAL A 447 11.83 -42.66 -35.86
CA VAL A 447 10.69 -41.73 -35.96
C VAL A 447 11.04 -40.65 -36.97
N PRO A 448 10.12 -40.24 -37.83
CA PRO A 448 10.41 -39.14 -38.76
C PRO A 448 10.82 -37.88 -38.04
N LEU A 449 11.60 -37.03 -38.73
CA LEU A 449 12.21 -35.89 -38.07
C LEU A 449 11.15 -34.85 -37.68
N ASN A 450 10.09 -34.70 -38.47
CA ASN A 450 9.04 -33.77 -38.10
C ASN A 450 8.38 -34.19 -36.78
N GLU A 451 8.02 -35.46 -36.65
CA GLU A 451 7.45 -35.90 -35.38
C GLU A 451 8.49 -35.97 -34.29
N ILE A 452 9.76 -36.21 -34.64
CA ILE A 452 10.81 -36.15 -33.64
C ILE A 452 10.87 -34.80 -32.98
N VAL A 453 10.88 -33.73 -33.79
CA VAL A 453 10.96 -32.39 -33.22
C VAL A 453 9.64 -32.04 -32.54
N ILE A 454 8.52 -32.54 -33.04
CA ILE A 454 7.24 -32.29 -32.37
C ILE A 454 7.24 -32.89 -30.97
N ARG A 455 7.67 -34.14 -30.83
CA ARG A 455 7.67 -34.78 -29.53
C ARG A 455 8.69 -34.15 -28.60
N ALA A 456 9.87 -33.81 -29.12
CA ALA A 456 10.90 -33.21 -28.29
C ALA A 456 10.50 -31.83 -27.81
N LEU A 457 9.76 -31.08 -28.62
CA LEU A 457 9.28 -29.78 -28.16
C LEU A 457 8.06 -29.92 -27.25
N ASP A 458 7.29 -30.99 -27.43
CA ASP A 458 6.11 -31.21 -26.61
C ASP A 458 6.49 -31.63 -25.20
N LEU A 459 7.62 -32.31 -25.04
CA LEU A 459 8.09 -32.62 -23.70
C LEU A 459 8.41 -31.36 -22.91
N VAL A 460 8.77 -30.28 -23.59
CA VAL A 460 9.02 -29.01 -22.91
C VAL A 460 7.74 -28.49 -22.27
N THR A 461 6.63 -28.50 -23.02
CA THR A 461 5.35 -28.10 -22.45
C THR A 461 4.88 -29.09 -21.41
N VAL A 462 5.30 -30.35 -21.50
CA VAL A 462 4.96 -31.35 -20.49
C VAL A 462 5.57 -30.98 -19.16
N VAL A 463 6.88 -30.75 -19.13
CA VAL A 463 7.58 -30.60 -17.85
C VAL A 463 7.51 -29.16 -17.34
N VAL A 464 7.38 -28.18 -18.22
CA VAL A 464 7.16 -26.80 -17.78
C VAL A 464 5.70 -26.46 -17.99
N PRO A 465 4.85 -26.57 -16.96
CA PRO A 465 3.41 -26.50 -17.17
C PRO A 465 2.97 -25.11 -17.55
N PRO A 466 2.32 -24.95 -18.71
CA PRO A 466 1.82 -23.62 -19.09
C PRO A 466 0.68 -23.12 -18.21
N ALA A 467 0.11 -23.97 -17.36
CA ALA A 467 -1.01 -23.60 -16.52
C ALA A 467 -0.63 -23.42 -15.06
N LEU A 468 0.60 -23.02 -14.78
CA LEU A 468 1.02 -22.83 -13.41
C LEU A 468 0.57 -21.50 -12.81
N PRO A 469 0.72 -20.35 -13.48
CA PRO A 469 0.29 -19.09 -12.87
C PRO A 469 -1.21 -19.01 -12.62
N ALA A 470 -2.05 -19.55 -13.50
CA ALA A 470 -3.47 -19.57 -13.23
C ALA A 470 -3.80 -20.46 -12.04
N ALA A 471 -3.15 -21.63 -11.97
CA ALA A 471 -3.35 -22.52 -10.84
C ALA A 471 -2.99 -21.86 -9.54
N MET A 472 -1.95 -21.03 -9.54
CA MET A 472 -1.53 -20.35 -8.33
C MET A 472 -2.29 -19.04 -8.10
N THR A 473 -3.05 -18.56 -9.07
CA THR A 473 -3.92 -17.42 -8.87
C THR A 473 -5.30 -17.80 -8.36
N VAL A 474 -5.71 -19.06 -8.53
CA VAL A 474 -7.01 -19.49 -8.04
C VAL A 474 -7.14 -19.25 -6.54
N CYS A 475 -6.08 -19.54 -5.78
CA CYS A 475 -6.15 -19.39 -4.32
C CYS A 475 -6.32 -17.94 -3.92
N THR A 476 -5.64 -17.03 -4.62
CA THR A 476 -5.81 -15.62 -4.34
C THR A 476 -7.18 -15.13 -4.76
N LEU A 477 -7.80 -15.73 -5.78
CA LEU A 477 -9.18 -15.39 -6.10
C LEU A 477 -10.12 -15.79 -4.99
N TYR A 478 -9.92 -16.97 -4.42
CA TYR A 478 -10.73 -17.40 -3.27
C TYR A 478 -10.55 -16.46 -2.10
N ALA A 479 -9.29 -16.09 -1.80
CA ALA A 479 -9.02 -15.20 -0.68
C ALA A 479 -9.60 -13.82 -0.91
N GLN A 480 -9.53 -13.32 -2.14
CA GLN A 480 -10.14 -12.06 -2.49
C GLN A 480 -11.64 -12.08 -2.27
N SER A 481 -12.29 -13.19 -2.62
CA SER A 481 -13.73 -13.30 -2.41
C SER A 481 -14.06 -13.31 -0.93
N ARG A 482 -13.28 -14.01 -0.12
CA ARG A 482 -13.52 -14.02 1.32
C ARG A 482 -13.31 -12.64 1.91
N LEU A 483 -12.27 -11.92 1.48
CA LEU A 483 -12.04 -10.57 1.96
C LEU A 483 -13.18 -9.64 1.56
N ARG A 484 -13.65 -9.72 0.32
CA ARG A 484 -14.78 -8.89 -0.10
C ARG A 484 -16.01 -9.19 0.73
N ARG A 485 -16.17 -10.43 1.17
CA ARG A 485 -17.28 -10.73 2.04
C ARG A 485 -17.10 -10.11 3.40
N GLN A 486 -15.86 -10.03 3.87
CA GLN A 486 -15.59 -9.43 5.17
C GLN A 486 -15.49 -7.92 5.13
N GLY A 487 -15.56 -7.30 3.95
CA GLY A 487 -15.53 -5.87 3.83
C GLY A 487 -14.25 -5.29 3.28
N ILE A 488 -13.21 -6.09 3.08
CA ILE A 488 -11.91 -5.63 2.61
C ILE A 488 -11.82 -5.89 1.12
N PHE A 489 -11.55 -4.86 0.34
CA PHE A 489 -11.56 -4.93 -1.11
C PHE A 489 -10.13 -4.89 -1.64
N CYS A 490 -9.68 -5.98 -2.23
CA CYS A 490 -8.36 -6.07 -2.83
C CYS A 490 -8.50 -5.93 -4.34
N ILE A 491 -7.71 -5.04 -4.93
CA ILE A 491 -7.83 -4.79 -6.37
C ILE A 491 -6.98 -5.76 -7.16
N HIS A 492 -5.82 -6.14 -6.63
CA HIS A 492 -4.95 -7.11 -7.28
C HIS A 492 -4.82 -8.34 -6.39
N PRO A 493 -5.44 -9.46 -6.74
CA PRO A 493 -5.47 -10.61 -5.82
C PRO A 493 -4.11 -11.13 -5.43
N LEU A 494 -3.11 -11.06 -6.31
CA LEU A 494 -1.80 -11.62 -5.98
C LEU A 494 -1.06 -10.82 -4.93
N ARG A 495 -1.60 -9.67 -4.51
CA ARG A 495 -1.03 -8.92 -3.40
C ARG A 495 -1.42 -9.49 -2.05
N ILE A 496 -2.32 -10.49 -2.02
CA ILE A 496 -2.74 -11.07 -0.76
C ILE A 496 -1.66 -11.98 -0.20
N ASN A 497 -0.88 -12.63 -1.06
CA ASN A 497 0.21 -13.49 -0.60
C ASN A 497 1.22 -12.71 0.22
N LEU A 498 1.34 -11.40 0.01
CA LEU A 498 2.26 -10.57 0.75
C LEU A 498 1.77 -10.31 2.18
N GLY A 499 0.48 -10.43 2.43
CA GLY A 499 -0.04 -10.32 3.78
C GLY A 499 0.42 -11.42 4.70
N GLY A 500 0.90 -12.52 4.16
CA GLY A 500 1.36 -13.62 4.97
C GLY A 500 2.80 -13.56 5.35
N LYS A 501 3.56 -12.65 4.76
CA LYS A 501 4.97 -12.47 5.07
C LYS A 501 5.24 -11.30 6.02
N LEU A 502 4.21 -10.60 6.48
CA LEU A 502 4.40 -9.34 7.19
C LEU A 502 5.14 -9.55 8.49
N GLN A 503 6.21 -8.79 8.69
CA GLN A 503 6.91 -8.71 9.97
C GLN A 503 6.69 -7.39 10.68
N LEU A 504 6.09 -6.41 10.02
CA LEU A 504 5.93 -5.07 10.59
C LEU A 504 4.74 -4.39 9.94
N VAL A 505 3.94 -3.70 10.75
CA VAL A 505 2.77 -2.97 10.28
C VAL A 505 2.88 -1.54 10.81
N CYS A 506 2.95 -0.57 9.90
CA CYS A 506 3.01 0.84 10.26
C CYS A 506 1.60 1.39 10.34
N PHE A 507 1.28 2.10 11.41
CA PHE A 507 -0.06 2.57 11.64
C PHE A 507 -0.15 4.08 11.68
N ASP A 508 -1.08 4.65 10.93
CA ASP A 508 -1.49 6.05 11.06
C ASP A 508 -1.99 6.26 12.48
N LYS A 509 -2.40 7.46 12.88
CA LYS A 509 -3.03 7.62 14.18
C LYS A 509 -4.43 8.19 14.05
N THR A 510 -4.56 9.46 13.71
CA THR A 510 -5.87 10.10 13.63
C THR A 510 -6.67 9.46 12.51
N GLY A 511 -7.76 8.80 12.87
CA GLY A 511 -8.63 8.18 11.91
C GLY A 511 -8.39 6.70 11.71
N THR A 512 -7.17 6.23 11.98
CA THR A 512 -6.84 4.81 11.89
C THR A 512 -6.86 4.14 13.26
N LEU A 513 -6.04 4.62 14.18
CA LEU A 513 -6.01 4.10 15.54
C LEU A 513 -6.97 4.85 16.44
N THR A 514 -7.04 6.17 16.32
CA THR A 514 -7.90 6.99 17.14
C THR A 514 -9.04 7.54 16.28
N GLU A 515 -10.06 8.07 16.95
CA GLU A 515 -11.20 8.63 16.25
C GLU A 515 -10.78 9.83 15.42
N ASP A 516 -11.55 10.10 14.36
CA ASP A 516 -11.22 11.20 13.46
C ASP A 516 -11.29 12.55 14.17
N GLY A 517 -12.24 12.70 15.09
CA GLY A 517 -12.46 13.98 15.73
C GLY A 517 -12.31 13.92 17.23
N LEU A 518 -12.19 15.08 17.84
CA LEU A 518 -12.04 15.17 19.28
C LEU A 518 -13.36 14.90 19.99
N ASP A 519 -13.27 14.27 21.15
CA ASP A 519 -14.39 14.06 22.04
C ASP A 519 -14.04 14.58 23.42
N VAL A 520 -15.05 15.07 24.13
CA VAL A 520 -14.83 15.80 25.37
C VAL A 520 -14.59 14.79 26.49
N MET A 521 -13.39 14.84 27.07
CA MET A 521 -13.13 14.05 28.26
C MET A 521 -13.93 14.57 29.44
N GLY A 522 -14.09 15.88 29.55
CA GLY A 522 -14.88 16.44 30.62
C GLY A 522 -14.55 17.90 30.83
N VAL A 523 -15.10 18.44 31.90
CA VAL A 523 -14.87 19.82 32.31
C VAL A 523 -14.50 19.84 33.78
N VAL A 524 -13.55 20.69 34.15
CA VAL A 524 -13.11 20.82 35.54
C VAL A 524 -13.54 22.16 36.09
N PRO A 525 -14.65 22.22 36.83
CA PRO A 525 -15.14 23.51 37.33
C PRO A 525 -14.25 24.10 38.41
N LEU A 526 -14.58 25.31 38.88
CA LEU A 526 -13.85 25.98 39.95
C LEU A 526 -14.81 26.35 41.06
N LYS A 527 -14.45 26.01 42.29
CA LYS A 527 -15.21 26.38 43.49
C LYS A 527 -14.33 27.33 44.30
N GLY A 528 -14.48 28.62 44.03
CA GLY A 528 -13.62 29.63 44.63
C GLY A 528 -12.37 29.88 43.78
N GLN A 529 -11.23 29.39 44.26
CA GLN A 529 -9.99 29.50 43.49
C GLN A 529 -9.18 28.21 43.47
N ALA A 530 -9.77 27.07 43.87
CA ALA A 530 -9.10 25.78 43.81
C ALA A 530 -9.82 24.87 42.83
N PHE A 531 -9.06 24.05 42.13
CA PHE A 531 -9.60 23.17 41.11
C PHE A 531 -10.44 22.06 41.75
N LEU A 532 -11.36 21.51 40.95
CA LEU A 532 -12.23 20.43 41.36
C LEU A 532 -11.96 19.20 40.50
N PRO A 533 -12.35 18.01 40.95
CA PRO A 533 -12.10 16.80 40.16
C PRO A 533 -12.76 16.86 38.79
N LEU A 534 -12.16 16.14 37.84
CA LEU A 534 -12.67 16.10 36.47
C LEU A 534 -14.06 15.49 36.44
N VAL A 535 -14.99 16.21 35.84
CA VAL A 535 -16.36 15.72 35.66
C VAL A 535 -16.43 15.10 34.26
N PRO A 536 -16.46 13.77 34.14
CA PRO A 536 -16.34 13.15 32.81
C PRO A 536 -17.49 13.49 31.88
N GLU A 537 -18.72 13.52 32.37
CA GLU A 537 -19.88 13.80 31.52
C GLU A 537 -20.57 15.05 32.04
N PRO A 538 -20.40 16.20 31.38
CA PRO A 538 -20.79 17.48 32.02
C PRO A 538 -22.27 17.59 32.34
N ARG A 539 -23.11 16.65 31.89
CA ARG A 539 -24.55 16.87 31.94
C ARG A 539 -25.06 16.79 33.38
N ARG A 540 -24.54 15.84 34.16
CA ARG A 540 -24.94 15.61 35.55
C ARG A 540 -24.64 16.78 36.47
N LEU A 541 -23.75 17.67 36.03
CA LEU A 541 -23.39 18.85 36.78
C LEU A 541 -24.61 19.74 36.96
N PRO A 542 -24.78 20.34 38.13
CA PRO A 542 -26.00 21.13 38.37
C PRO A 542 -26.09 22.33 37.44
N VAL A 543 -27.29 22.88 37.39
CA VAL A 543 -27.60 23.97 36.45
C VAL A 543 -27.07 25.27 37.02
N GLY A 544 -25.88 25.68 36.56
CA GLY A 544 -25.25 26.90 37.00
C GLY A 544 -24.60 27.66 35.85
N PRO A 545 -23.74 28.62 36.20
CA PRO A 545 -23.15 29.48 35.15
C PRO A 545 -22.27 28.71 34.18
N LEU A 546 -21.47 27.76 34.67
CA LEU A 546 -20.54 27.06 33.79
C LEU A 546 -21.27 26.16 32.80
N LEU A 547 -22.42 25.63 33.18
CA LEU A 547 -23.14 24.74 32.28
C LEU A 547 -23.72 25.51 31.10
N ARG A 548 -24.33 26.68 31.37
CA ARG A 548 -24.75 27.54 30.28
C ARG A 548 -23.56 28.07 29.49
N ALA A 549 -22.41 28.25 30.15
CA ALA A 549 -21.21 28.64 29.42
C ALA A 549 -20.82 27.58 28.41
N LEU A 550 -20.88 26.30 28.81
CA LEU A 550 -20.59 25.21 27.88
C LEU A 550 -21.65 25.12 26.78
N ALA A 551 -22.92 25.33 27.13
CA ALA A 551 -23.99 25.05 26.18
C ALA A 551 -24.25 26.22 25.22
N THR A 552 -23.86 27.44 25.55
CA THR A 552 -24.25 28.59 24.76
C THR A 552 -23.10 29.43 24.20
N CYS A 553 -21.93 29.44 24.85
CA CYS A 553 -20.82 30.29 24.41
C CYS A 553 -20.18 29.68 23.17
N HIS A 554 -20.84 29.89 22.03
CA HIS A 554 -20.36 29.34 20.77
C HIS A 554 -21.06 30.05 19.61
N ALA A 555 -20.44 29.95 18.44
CA ALA A 555 -20.96 30.51 17.20
C ALA A 555 -21.22 29.38 16.21
N LEU A 556 -22.42 28.82 16.23
CA LEU A 556 -22.82 27.79 15.28
C LEU A 556 -24.29 28.00 14.91
N SER A 557 -24.58 27.82 13.61
CA SER A 557 -25.90 28.08 13.05
C SER A 557 -26.67 26.78 12.83
N ARG A 558 -27.98 26.92 12.68
CA ARG A 558 -28.88 25.79 12.47
C ARG A 558 -29.24 25.71 10.99
N LEU A 559 -28.77 24.66 10.32
CA LEU A 559 -29.08 24.42 8.91
C LEU A 559 -28.99 22.93 8.66
N GLN A 560 -29.82 22.42 7.74
CA GLN A 560 -29.99 20.99 7.50
C GLN A 560 -30.52 20.27 8.74
N ASP A 561 -31.25 21.00 9.59
CA ASP A 561 -31.78 20.47 10.85
C ASP A 561 -30.68 19.89 11.72
N THR A 562 -29.46 20.46 11.60
CA THR A 562 -28.30 19.98 12.32
C THR A 562 -27.45 21.20 12.71
N PRO A 563 -26.87 21.21 13.91
CA PRO A 563 -25.88 22.24 14.23
C PRO A 563 -24.65 22.06 13.35
N VAL A 564 -24.08 23.20 12.92
CA VAL A 564 -22.93 23.19 12.03
C VAL A 564 -21.98 24.30 12.45
N GLY A 565 -20.69 24.05 12.27
CA GLY A 565 -19.66 25.02 12.63
C GLY A 565 -18.34 24.36 12.98
N ASP A 566 -17.66 24.90 13.97
CA ASP A 566 -16.41 24.31 14.46
C ASP A 566 -16.67 23.06 15.27
N PRO A 567 -15.93 21.97 15.02
CA PRO A 567 -16.31 20.68 15.64
C PRO A 567 -16.23 20.66 17.15
N MET A 568 -15.31 21.42 17.76
CA MET A 568 -15.11 21.33 19.19
C MET A 568 -16.34 21.81 19.96
N ASP A 569 -16.85 23.00 19.61
CA ASP A 569 -18.04 23.51 20.27
C ASP A 569 -19.26 22.65 19.97
N LEU A 570 -19.33 22.12 18.75
CA LEU A 570 -20.38 21.17 18.39
C LEU A 570 -20.41 19.99 19.35
N LYS A 571 -19.25 19.34 19.54
CA LYS A 571 -19.23 18.16 20.40
C LYS A 571 -19.43 18.53 21.86
N MET A 572 -18.98 19.72 22.28
CA MET A 572 -19.20 20.13 23.65
C MET A 572 -20.69 20.33 23.94
N VAL A 573 -21.41 21.00 23.04
CA VAL A 573 -22.84 21.18 23.26
C VAL A 573 -23.58 19.86 23.11
N GLU A 574 -23.07 18.97 22.25
CA GLU A 574 -23.66 17.63 22.15
C GLU A 574 -23.51 16.87 23.47
N SER A 575 -22.37 17.07 24.16
CA SER A 575 -22.18 16.43 25.47
C SER A 575 -23.08 17.01 26.54
N THR A 576 -23.21 18.34 26.57
CA THR A 576 -24.05 18.97 27.57
C THR A 576 -25.50 18.52 27.47
N GLY A 577 -25.91 17.95 26.34
CA GLY A 577 -27.27 17.48 26.16
C GLY A 577 -28.28 18.54 25.79
N TRP A 578 -27.91 19.82 25.84
CA TRP A 578 -28.83 20.88 25.49
C TRP A 578 -29.05 20.93 23.98
N VAL A 579 -30.29 21.23 23.58
CA VAL A 579 -30.65 21.44 22.19
C VAL A 579 -30.90 22.93 21.98
N LEU A 580 -30.19 23.52 21.03
CA LEU A 580 -30.35 24.94 20.75
C LEU A 580 -31.65 25.20 20.01
N GLU A 581 -32.23 26.36 20.27
CA GLU A 581 -33.49 26.76 19.67
C GLU A 581 -33.29 27.79 18.57
N ASP A 587 -29.85 37.12 20.06
CA ASP A 587 -29.07 36.50 19.00
C ASP A 587 -29.67 35.14 18.63
N SER A 588 -29.67 34.22 19.59
CA SER A 588 -30.27 32.90 19.42
C SER A 588 -30.66 32.36 20.78
N ALA A 589 -31.61 31.43 20.78
CA ALA A 589 -32.20 30.93 22.00
C ALA A 589 -31.83 29.46 22.19
N PHE A 590 -31.72 29.06 23.45
CA PHE A 590 -31.30 27.71 23.80
C PHE A 590 -32.31 27.08 24.75
N GLY A 591 -32.55 25.79 24.56
CA GLY A 591 -33.41 25.01 25.45
C GLY A 591 -32.60 23.96 26.18
N THR A 592 -32.91 23.77 27.46
CA THR A 592 -32.21 22.79 28.27
C THR A 592 -32.55 21.37 27.81
N GLN A 593 -31.90 20.39 28.45
CA GLN A 593 -32.17 19.00 28.12
C GLN A 593 -33.63 18.65 28.38
N VAL A 594 -34.14 19.02 29.56
CA VAL A 594 -35.53 18.77 29.92
C VAL A 594 -35.91 19.60 31.15
N PRO A 614 -33.14 24.71 34.76
CA PRO A 614 -33.63 24.06 33.53
C PRO A 614 -34.62 24.92 32.78
N VAL A 615 -34.26 26.18 32.56
CA VAL A 615 -35.12 27.14 31.85
C VAL A 615 -34.46 27.49 30.54
N PRO A 616 -35.22 27.78 29.49
CA PRO A 616 -34.60 28.20 28.22
C PRO A 616 -33.91 29.55 28.38
N VAL A 617 -32.71 29.65 27.83
CA VAL A 617 -31.88 30.84 27.95
C VAL A 617 -31.45 31.27 26.55
N SER A 618 -31.46 32.58 26.30
CA SER A 618 -31.16 33.12 24.99
C SER A 618 -29.97 34.08 25.06
N VAL A 619 -29.03 33.93 24.14
CA VAL A 619 -27.87 34.81 24.09
C VAL A 619 -28.26 36.13 23.41
N LEU A 620 -27.86 37.24 24.02
CA LEU A 620 -28.22 38.56 23.51
C LEU A 620 -27.19 39.09 22.52
N HIS A 621 -25.91 38.85 22.75
CA HIS A 621 -24.87 39.35 21.87
C HIS A 621 -23.73 38.35 21.79
N ARG A 622 -23.04 38.36 20.65
CA ARG A 622 -21.93 37.47 20.39
C ARG A 622 -20.82 38.23 19.67
N PHE A 623 -19.58 37.92 20.02
CA PHE A 623 -18.42 38.53 19.38
C PHE A 623 -17.66 37.48 18.58
N PRO A 624 -17.10 37.83 17.42
CA PRO A 624 -16.44 36.83 16.59
C PRO A 624 -15.13 36.36 17.21
N PHE A 625 -14.76 35.12 16.85
CA PHE A 625 -13.52 34.52 17.31
C PHE A 625 -12.39 34.86 16.34
N SER A 626 -11.42 35.65 16.81
CA SER A 626 -10.25 36.02 16.02
C SER A 626 -9.01 35.39 16.62
N SER A 627 -8.17 34.79 15.78
CA SER A 627 -7.02 34.04 16.26
C SER A 627 -5.93 34.94 16.83
N ALA A 628 -6.04 36.26 16.69
CA ALA A 628 -5.05 37.16 17.28
C ALA A 628 -5.16 37.18 18.80
N LEU A 629 -6.33 37.55 19.32
CA LEU A 629 -6.55 37.51 20.76
C LEU A 629 -6.92 36.11 21.25
N GLN A 630 -7.26 35.21 20.33
CA GLN A 630 -7.32 33.77 20.61
C GLN A 630 -8.38 33.44 21.67
N ARG A 631 -9.56 34.03 21.52
CA ARG A 631 -10.68 33.74 22.40
C ARG A 631 -11.95 34.33 21.78
N MET A 632 -13.10 33.91 22.31
CA MET A 632 -14.38 34.46 21.91
C MET A 632 -15.24 34.67 23.14
N SER A 633 -16.17 35.63 23.05
CA SER A 633 -16.98 36.03 24.19
C SER A 633 -18.41 36.26 23.75
N VAL A 634 -19.35 35.92 24.63
CA VAL A 634 -20.78 36.16 24.42
C VAL A 634 -21.38 36.65 25.73
N VAL A 635 -22.50 37.36 25.61
CA VAL A 635 -23.28 37.83 26.75
C VAL A 635 -24.67 37.24 26.64
N VAL A 636 -25.20 36.74 27.77
CA VAL A 636 -26.45 36.01 27.78
C VAL A 636 -27.30 36.48 28.96
N ALA A 637 -28.62 36.37 28.80
CA ALA A 637 -29.56 36.69 29.86
C ALA A 637 -30.79 35.80 29.70
N TRP A 638 -31.54 35.65 30.78
CA TRP A 638 -32.72 34.80 30.80
C TRP A 638 -33.75 35.44 31.72
N PRO A 639 -35.03 35.10 31.54
CA PRO A 639 -36.06 35.67 32.42
C PRO A 639 -35.88 35.19 33.85
N GLY A 640 -36.27 36.06 34.79
CA GLY A 640 -36.09 35.79 36.20
C GLY A 640 -34.67 35.93 36.70
N ALA A 641 -33.76 36.42 35.87
CA ALA A 641 -32.36 36.58 36.25
C ALA A 641 -32.12 37.94 36.87
N THR A 642 -30.93 38.10 37.46
CA THR A 642 -30.55 39.38 38.06
C THR A 642 -30.13 40.39 36.99
N GLN A 643 -29.27 39.98 36.07
CA GLN A 643 -28.68 40.83 35.04
C GLN A 643 -27.91 39.95 34.05
N PRO A 644 -27.71 40.42 32.82
CA PRO A 644 -27.12 39.55 31.78
C PRO A 644 -25.74 39.06 32.17
N GLU A 645 -25.45 37.81 31.79
CA GLU A 645 -24.20 37.14 32.14
C GLU A 645 -23.38 36.97 30.87
N ALA A 646 -22.08 37.26 30.97
CA ALA A 646 -21.16 37.07 29.87
C ALA A 646 -20.44 35.74 30.00
N TYR A 647 -20.04 35.17 28.87
CA TYR A 647 -19.26 33.95 28.84
C TYR A 647 -18.07 34.13 27.91
N VAL A 648 -16.91 33.68 28.37
CA VAL A 648 -15.66 33.80 27.62
C VAL A 648 -15.04 32.42 27.48
N LYS A 649 -14.70 32.06 26.25
CA LYS A 649 -14.07 30.78 25.96
C LYS A 649 -12.94 30.99 24.96
N GLY A 650 -11.83 30.30 25.18
CA GLY A 650 -10.71 30.40 24.26
C GLY A 650 -9.51 29.60 24.72
N SER A 651 -8.33 30.13 24.44
CA SER A 651 -7.11 29.51 24.94
C SER A 651 -7.11 29.40 26.45
N PRO A 652 -6.53 28.35 27.01
CA PRO A 652 -6.53 28.23 28.47
C PRO A 652 -5.56 29.18 29.15
N GLU A 653 -4.39 29.41 28.55
CA GLU A 653 -3.32 30.13 29.24
C GLU A 653 -3.62 31.63 29.31
N LEU A 654 -3.92 32.25 28.17
CA LEU A 654 -4.03 33.71 28.13
C LEU A 654 -5.22 34.24 28.90
N VAL A 655 -6.34 33.53 28.87
CA VAL A 655 -7.52 34.01 29.59
C VAL A 655 -7.27 33.97 31.09
N ALA A 656 -6.41 33.06 31.55
CA ALA A 656 -6.00 33.08 32.95
C ALA A 656 -5.23 34.37 33.28
N GLY A 657 -4.55 34.93 32.29
CA GLY A 657 -3.92 36.23 32.45
C GLY A 657 -4.89 37.40 32.40
N LEU A 658 -6.16 37.14 32.08
CA LEU A 658 -7.20 38.16 32.06
C LEU A 658 -8.07 38.16 33.31
N CYS A 659 -8.33 36.98 33.87
CA CYS A 659 -9.11 36.90 35.10
C CYS A 659 -8.29 37.39 36.29
N ASN A 660 -9.00 37.75 37.35
CA ASN A 660 -8.33 38.21 38.56
C ASN A 660 -7.52 37.07 39.18
N PRO A 661 -6.37 37.38 39.77
CA PRO A 661 -5.51 36.31 40.31
C PRO A 661 -6.18 35.49 41.39
N GLU A 662 -7.07 36.08 42.19
CA GLU A 662 -7.73 35.33 43.25
C GLU A 662 -8.83 34.42 42.73
N THR A 663 -9.01 34.32 41.42
CA THR A 663 -9.96 33.38 40.82
C THR A 663 -9.30 32.19 40.17
N VAL A 664 -8.17 32.40 39.50
CA VAL A 664 -7.40 31.32 38.88
C VAL A 664 -6.49 30.70 39.92
N PRO A 665 -6.44 29.37 40.01
CA PRO A 665 -5.54 28.74 40.99
C PRO A 665 -4.08 28.99 40.66
N THR A 666 -3.23 28.89 41.68
CA THR A 666 -1.79 28.98 41.47
C THR A 666 -1.25 27.78 40.73
N ASP A 667 -1.90 26.62 40.87
CA ASP A 667 -1.48 25.39 40.20
C ASP A 667 -2.09 25.29 38.81
N PHE A 668 -2.45 26.42 38.21
CA PHE A 668 -3.04 26.43 36.88
C PHE A 668 -2.04 25.95 35.83
N ALA A 669 -0.80 26.42 35.92
CA ALA A 669 0.19 26.13 34.87
C ALA A 669 0.56 24.66 34.85
N GLN A 670 0.83 24.07 36.02
CA GLN A 670 1.30 22.69 36.04
C GLN A 670 0.16 21.75 35.64
N MET A 671 -1.06 22.05 36.07
CA MET A 671 -2.21 21.24 35.65
C MET A 671 -2.47 21.37 34.15
N LEU A 672 -2.36 22.58 33.61
CA LEU A 672 -2.50 22.77 32.18
C LEU A 672 -1.44 21.99 31.41
N GLN A 673 -0.22 21.94 31.96
CA GLN A 673 0.84 21.21 31.27
C GLN A 673 0.66 19.71 31.40
N SER A 674 0.10 19.24 32.53
CA SER A 674 -0.21 17.82 32.67
C SER A 674 -1.28 17.40 31.69
N TYR A 675 -2.29 18.26 31.48
CA TYR A 675 -3.29 17.98 30.46
C TYR A 675 -2.66 18.00 29.07
N THR A 676 -1.88 19.04 28.76
CA THR A 676 -1.37 19.22 27.42
C THR A 676 -0.31 18.18 27.07
N ALA A 677 0.52 17.78 28.03
CA ALA A 677 1.57 16.81 27.75
C ALA A 677 1.01 15.45 27.36
N ALA A 678 -0.26 15.19 27.66
CA ALA A 678 -0.92 13.96 27.26
C ALA A 678 -1.62 14.07 25.91
N GLY A 679 -1.50 15.21 25.23
CA GLY A 679 -2.16 15.41 23.96
C GLY A 679 -3.56 15.96 24.03
N TYR A 680 -4.02 16.38 25.21
CA TYR A 680 -5.34 16.97 25.35
C TYR A 680 -5.42 18.29 24.59
N ARG A 681 -6.65 18.78 24.43
CA ARG A 681 -6.90 20.08 23.82
C ARG A 681 -7.79 20.86 24.79
N VAL A 682 -7.15 21.58 25.70
CA VAL A 682 -7.84 22.26 26.79
C VAL A 682 -8.32 23.63 26.33
N VAL A 683 -9.52 24.01 26.75
CA VAL A 683 -10.07 25.34 26.52
C VAL A 683 -10.70 25.82 27.81
N ALA A 684 -10.38 27.05 28.19
CA ALA A 684 -10.87 27.62 29.44
C ALA A 684 -12.09 28.49 29.19
N LEU A 685 -12.89 28.65 30.24
CA LEU A 685 -14.11 29.46 30.19
C LEU A 685 -14.23 30.31 31.44
N ALA A 686 -14.75 31.52 31.25
CA ALA A 686 -14.96 32.45 32.36
C ALA A 686 -16.27 33.19 32.13
N SER A 687 -16.76 33.85 33.17
CA SER A 687 -18.02 34.58 33.07
C SER A 687 -17.88 35.96 33.69
N LYS A 688 -18.93 36.77 33.51
CA LYS A 688 -18.97 38.13 34.03
C LYS A 688 -20.41 38.54 34.36
N PRO A 689 -20.67 39.05 35.57
CA PRO A 689 -21.96 39.70 35.85
C PRO A 689 -21.94 41.13 35.33
N LEU A 690 -22.92 41.47 34.50
CA LEU A 690 -22.94 42.81 33.91
C LEU A 690 -23.88 43.71 34.69
N PRO A 691 -23.42 44.86 35.19
CA PRO A 691 -24.31 45.76 35.92
C PRO A 691 -25.35 46.45 35.05
N THR A 692 -25.25 46.33 33.72
CA THR A 692 -26.26 46.93 32.85
C THR A 692 -27.59 46.18 32.96
N VAL A 693 -28.67 46.89 32.68
CA VAL A 693 -30.01 46.32 32.81
C VAL A 693 -30.22 45.24 31.76
N PRO A 694 -31.03 44.21 32.03
CA PRO A 694 -31.18 43.11 31.07
C PRO A 694 -32.02 43.45 29.85
N SER A 695 -31.42 44.11 28.87
CA SER A 695 -32.07 44.39 27.60
C SER A 695 -31.00 44.59 26.53
N LEU A 696 -31.25 44.04 25.34
CA LEU A 696 -30.27 44.15 24.25
C LEU A 696 -30.19 45.57 23.69
N GLU A 697 -31.06 46.48 24.13
CA GLU A 697 -30.95 47.88 23.72
C GLU A 697 -29.63 48.50 24.17
N ALA A 698 -29.00 47.95 25.21
CA ALA A 698 -27.68 48.38 25.65
C ALA A 698 -26.64 47.29 25.63
N ALA A 699 -27.03 46.03 25.40
CA ALA A 699 -26.09 44.92 25.47
C ALA A 699 -25.21 44.82 24.23
N GLN A 700 -25.75 45.08 23.04
CA GLN A 700 -24.99 44.92 21.80
C GLN A 700 -24.15 46.14 21.46
N GLN A 701 -24.28 47.24 22.20
CA GLN A 701 -23.41 48.39 22.04
C GLN A 701 -22.16 48.30 22.91
N LEU A 702 -21.92 47.14 23.52
CA LEU A 702 -20.81 47.02 24.46
C LEU A 702 -19.52 46.69 23.71
N THR A 703 -18.42 47.23 24.20
CA THR A 703 -17.09 46.91 23.67
C THR A 703 -16.50 45.72 24.44
N ARG A 704 -16.10 44.68 23.72
CA ARG A 704 -15.72 43.43 24.35
C ARG A 704 -14.52 43.58 25.27
N ASP A 705 -13.73 44.65 25.11
CA ASP A 705 -12.66 44.91 26.06
C ASP A 705 -13.18 45.00 27.49
N THR A 706 -14.41 45.49 27.64
CA THR A 706 -15.06 45.45 28.96
C THR A 706 -15.35 44.02 29.39
N VAL A 707 -15.68 43.14 28.43
CA VAL A 707 -15.99 41.75 28.76
C VAL A 707 -14.74 41.03 29.27
N GLU A 708 -13.66 41.04 28.47
CA GLU A 708 -12.46 40.33 28.91
C GLU A 708 -11.75 41.02 30.06
N GLY A 709 -12.28 42.12 30.58
CA GLY A 709 -11.77 42.72 31.79
C GLY A 709 -12.44 42.15 33.03
N ASP A 710 -11.64 42.00 34.10
CA ASP A 710 -12.14 41.60 35.42
C ASP A 710 -12.81 40.23 35.39
N LEU A 711 -12.22 39.29 34.66
CA LEU A 711 -12.83 37.98 34.47
C LEU A 711 -12.70 37.12 35.72
N SER A 712 -13.50 36.05 35.75
CA SER A 712 -13.48 35.07 36.84
C SER A 712 -13.53 33.68 36.20
N LEU A 713 -12.42 32.94 36.29
CA LEU A 713 -12.31 31.65 35.61
C LEU A 713 -13.30 30.63 36.15
N LEU A 714 -14.19 30.14 35.29
CA LEU A 714 -15.16 29.13 35.70
C LEU A 714 -14.55 27.74 35.69
N GLY A 715 -13.84 27.38 34.62
CA GLY A 715 -13.26 26.06 34.56
C GLY A 715 -12.73 25.76 33.17
N LEU A 716 -12.02 24.64 33.10
CA LEU A 716 -11.37 24.20 31.87
C LEU A 716 -12.11 22.99 31.32
N LEU A 717 -12.38 23.02 30.02
CA LEU A 717 -12.98 21.88 29.32
C LEU A 717 -11.90 21.21 28.48
N VAL A 718 -11.71 19.92 28.69
CA VAL A 718 -10.61 19.16 28.09
C VAL A 718 -11.19 18.20 27.05
N MET A 719 -10.59 18.19 25.87
CA MET A 719 -10.99 17.30 24.80
C MET A 719 -9.79 16.51 24.31
N ARG A 720 -9.95 15.20 24.18
CA ARG A 720 -8.90 14.31 23.73
C ARG A 720 -9.38 13.45 22.60
N ASN A 721 -8.50 13.17 21.66
CA ASN A 721 -8.79 12.32 20.51
C ASN A 721 -8.90 10.88 21.01
N LEU A 722 -10.13 10.39 21.14
CA LEU A 722 -10.34 9.07 21.70
C LEU A 722 -9.75 7.99 20.82
N LEU A 723 -9.32 6.91 21.46
CA LEU A 723 -8.88 5.72 20.76
C LEU A 723 -10.08 4.88 20.37
N LYS A 724 -10.03 4.27 19.19
CA LYS A 724 -11.12 3.42 18.75
C LYS A 724 -11.19 2.19 19.64
N PRO A 725 -12.39 1.66 19.90
CA PRO A 725 -12.49 0.48 20.77
C PRO A 725 -11.85 -0.75 20.18
N GLN A 726 -11.73 -0.83 18.85
CA GLN A 726 -11.16 -1.98 18.17
C GLN A 726 -9.67 -1.85 17.94
N THR A 727 -9.01 -0.86 18.54
CA THR A 727 -7.59 -0.62 18.30
C THR A 727 -6.73 -1.40 19.27
N THR A 728 -7.01 -1.33 20.56
CA THR A 728 -6.17 -2.02 21.54
C THR A 728 -6.20 -3.53 21.38
N PRO A 729 -7.34 -4.20 21.16
CA PRO A 729 -7.28 -5.64 20.91
C PRO A 729 -6.46 -6.02 19.70
N VAL A 730 -6.54 -5.26 18.61
CA VAL A 730 -5.79 -5.59 17.40
C VAL A 730 -4.31 -5.36 17.61
N ILE A 731 -3.93 -4.30 18.31
CA ILE A 731 -2.51 -4.05 18.55
C ILE A 731 -1.94 -5.10 19.48
N GLN A 732 -2.70 -5.52 20.48
CA GLN A 732 -2.20 -6.56 21.37
C GLN A 732 -2.15 -7.92 20.69
N ALA A 733 -3.05 -8.19 19.76
CA ALA A 733 -2.96 -9.41 18.97
C ALA A 733 -1.76 -9.40 18.04
N LEU A 734 -1.48 -8.27 17.41
CA LEU A 734 -0.30 -8.16 16.55
C LEU A 734 0.97 -8.28 17.34
N ARG A 735 1.04 -7.68 18.52
CA ARG A 735 2.25 -7.77 19.32
C ARG A 735 2.39 -9.13 19.97
N ARG A 736 1.29 -9.86 20.12
CA ARG A 736 1.36 -11.23 20.62
C ARG A 736 1.96 -12.18 19.59
N THR A 737 1.61 -12.02 18.33
CA THR A 737 2.11 -12.87 17.26
C THR A 737 3.42 -12.39 16.69
N ARG A 738 4.18 -11.59 17.44
CA ARG A 738 5.53 -11.18 17.07
C ARG A 738 5.56 -10.39 15.77
N ILE A 739 4.54 -9.55 15.57
CA ILE A 739 4.49 -8.62 14.45
C ILE A 739 4.67 -7.23 15.01
N ARG A 740 5.69 -6.52 14.56
CA ARG A 740 5.97 -5.19 15.06
C ARG A 740 4.87 -4.23 14.65
N ALA A 741 4.45 -3.39 15.59
CA ALA A 741 3.48 -2.34 15.34
C ALA A 741 4.19 -1.01 15.49
N VAL A 742 4.21 -0.22 14.43
CA VAL A 742 4.86 1.08 14.39
C VAL A 742 3.79 2.13 14.18
N MET A 743 3.91 3.27 14.85
CA MET A 743 2.99 4.38 14.68
C MET A 743 3.72 5.47 13.92
N VAL A 744 3.37 5.66 12.67
CA VAL A 744 3.90 6.73 11.84
C VAL A 744 2.78 7.70 11.59
N THR A 745 2.79 8.82 12.30
CA THR A 745 1.72 9.79 12.30
C THR A 745 2.21 11.16 11.84
N GLY A 746 1.30 12.11 11.80
CA GLY A 746 1.63 13.48 11.45
C GLY A 746 1.28 14.44 12.57
N ASP A 747 0.94 13.89 13.73
CA ASP A 747 0.60 14.68 14.91
C ASP A 747 1.82 14.85 15.78
N ASN A 748 1.71 15.74 16.77
CA ASN A 748 2.83 16.06 17.64
C ASN A 748 3.30 14.83 18.37
N LEU A 749 4.52 14.88 18.91
CA LEU A 749 5.12 13.70 19.52
C LEU A 749 4.47 13.36 20.84
N GLN A 750 3.95 14.34 21.56
CA GLN A 750 3.32 14.05 22.84
C GLN A 750 2.05 13.23 22.66
N THR A 751 1.19 13.66 21.72
CA THR A 751 -0.03 12.93 21.44
C THR A 751 0.27 11.53 20.91
N ALA A 752 1.23 11.43 20.00
CA ALA A 752 1.58 10.13 19.43
C ALA A 752 2.10 9.19 20.49
N VAL A 753 2.96 9.67 21.39
CA VAL A 753 3.49 8.83 22.45
C VAL A 753 2.40 8.41 23.41
N THR A 754 1.49 9.32 23.76
CA THR A 754 0.38 8.97 24.65
C THR A 754 -0.51 7.91 24.03
N VAL A 755 -0.84 8.06 22.75
CA VAL A 755 -1.69 7.07 22.08
C VAL A 755 -0.97 5.74 21.98
N ALA A 756 0.35 5.75 21.75
CA ALA A 756 1.10 4.50 21.67
C ALA A 756 1.11 3.79 23.00
N ARG A 757 1.36 4.51 24.09
CA ARG A 757 1.31 3.89 25.40
C ARG A 757 -0.08 3.41 25.74
N GLY A 758 -1.11 4.05 25.19
CA GLY A 758 -2.48 3.70 25.52
C GLY A 758 -3.10 2.64 24.63
N CYS A 759 -2.58 2.43 23.43
CA CYS A 759 -3.10 1.44 22.51
C CYS A 759 -2.29 0.16 22.49
N GLY A 760 -1.36 -0.01 23.43
CA GLY A 760 -0.63 -1.24 23.56
C GLY A 760 0.62 -1.37 22.73
N MET A 761 0.99 -0.36 21.96
CA MET A 761 2.24 -0.42 21.21
C MET A 761 3.43 -0.39 22.15
N VAL A 762 3.34 0.38 23.22
CA VAL A 762 4.37 0.44 24.25
C VAL A 762 3.71 -0.08 25.52
N ALA A 763 4.01 -1.31 25.90
CA ALA A 763 3.44 -1.90 27.09
C ALA A 763 3.87 -1.09 28.33
N PRO A 764 3.12 -1.17 29.42
CA PRO A 764 3.43 -0.34 30.58
C PRO A 764 4.80 -0.58 31.17
N GLN A 765 5.38 -1.76 30.98
CA GLN A 765 6.69 -2.06 31.55
C GLN A 765 7.84 -1.70 30.62
N GLU A 766 7.57 -1.48 29.34
CA GLU A 766 8.63 -1.26 28.37
C GLU A 766 9.13 0.18 28.43
N HIS A 767 10.34 0.37 27.93
CA HIS A 767 11.02 1.67 27.99
C HIS A 767 10.86 2.41 26.68
N LEU A 768 10.45 3.66 26.76
CA LEU A 768 10.39 4.55 25.61
C LEU A 768 11.47 5.60 25.77
N ILE A 769 12.29 5.79 24.74
CA ILE A 769 13.40 6.73 24.75
C ILE A 769 13.20 7.68 23.58
N ILE A 770 12.93 8.95 23.87
CA ILE A 770 12.77 9.94 22.83
C ILE A 770 14.12 10.20 22.19
N VAL A 771 14.14 10.29 20.86
CA VAL A 771 15.34 10.60 20.09
C VAL A 771 15.17 11.99 19.50
N HIS A 772 16.08 12.90 19.85
CA HIS A 772 16.01 14.28 19.39
C HIS A 772 17.30 14.64 18.68
N ALA A 773 17.20 15.23 17.49
CA ALA A 773 18.33 15.57 16.65
C ALA A 773 18.29 17.06 16.35
N THR A 774 19.43 17.72 16.51
CA THR A 774 19.58 19.15 16.24
C THR A 774 20.38 19.35 14.96
N HIS A 775 19.80 20.05 14.01
CA HIS A 775 20.45 20.21 12.71
C HIS A 775 21.68 21.10 12.87
N PRO A 776 22.83 20.69 12.34
CA PRO A 776 24.07 21.44 12.60
C PRO A 776 24.13 22.80 11.92
N GLU A 777 24.11 23.86 12.71
CA GLU A 777 24.40 25.19 12.20
C GLU A 777 25.91 25.34 12.02
N ARG A 778 26.32 26.48 11.49
CA ARG A 778 27.74 26.72 11.23
C ARG A 778 28.53 26.75 12.53
N GLY A 779 29.55 25.89 12.61
CA GLY A 779 30.45 25.85 13.76
C GLY A 779 30.29 24.65 14.66
N GLN A 780 29.27 23.82 14.44
CA GLN A 780 29.03 22.64 15.27
C GLN A 780 28.48 21.52 14.40
N PRO A 781 28.69 20.27 14.81
CA PRO A 781 28.12 19.14 14.07
C PRO A 781 26.71 18.84 14.54
N ALA A 782 26.11 17.81 13.95
CA ALA A 782 24.78 17.37 14.34
C ALA A 782 24.85 16.49 15.58
N SER A 783 23.77 16.47 16.35
CA SER A 783 23.74 15.80 17.63
C SER A 783 22.47 15.00 17.79
N LEU A 784 22.56 13.91 18.56
CA LEU A 784 21.43 13.10 18.97
C LEU A 784 21.30 13.16 20.47
N GLU A 785 20.11 13.46 20.96
CA GLU A 785 19.85 13.57 22.39
C GLU A 785 18.74 12.61 22.77
N PHE A 786 19.03 11.71 23.70
CA PHE A 786 18.09 10.70 24.17
C PHE A 786 17.61 11.06 25.56
N LEU A 787 16.31 11.25 25.72
CA LEU A 787 15.71 11.49 27.02
C LEU A 787 14.61 10.46 27.25
N PRO A 788 14.71 9.62 28.26
CA PRO A 788 13.70 8.58 28.47
C PRO A 788 12.40 9.18 29.00
N MET A 789 11.37 8.33 29.03
CA MET A 789 10.06 8.71 29.53
C MET A 789 9.60 7.67 30.56
N GLU A 790 9.30 8.15 31.76
CA GLU A 790 8.79 7.26 32.80
C GLU A 790 7.37 6.84 32.48
N SER A 791 6.96 5.69 33.02
CA SER A 791 5.63 5.15 32.77
C SER A 791 4.55 6.01 33.41
N ARG A 814 9.82 -5.09 21.01
CA ARG A 814 10.84 -5.62 21.90
C ARG A 814 10.73 -5.02 23.30
N SER A 815 11.87 -4.65 23.88
CA SER A 815 11.89 -4.05 25.20
C SER A 815 12.01 -2.54 25.15
N ARG A 816 12.85 -2.00 24.28
CA ARG A 816 13.05 -0.57 24.15
C ARG A 816 12.38 -0.08 22.88
N HIS A 817 11.63 1.01 23.00
CA HIS A 817 11.04 1.68 21.87
C HIS A 817 11.61 3.07 21.77
N LEU A 818 11.90 3.53 20.56
CA LEU A 818 12.38 4.87 20.30
C LEU A 818 11.25 5.69 19.70
N ALA A 819 11.03 6.87 20.25
CA ALA A 819 9.99 7.78 19.79
C ALA A 819 10.66 9.03 19.25
N LEU A 820 10.70 9.17 17.94
CA LEU A 820 11.38 10.27 17.28
C LEU A 820 10.46 10.97 16.31
N SER A 821 10.70 12.26 16.12
CA SER A 821 9.82 13.13 15.35
C SER A 821 10.07 12.97 13.86
N GLY A 822 9.56 13.90 13.07
CA GLY A 822 9.81 13.94 11.65
C GLY A 822 11.11 14.62 11.31
N PRO A 823 11.35 15.81 11.84
CA PRO A 823 12.68 16.43 11.69
C PRO A 823 13.81 15.56 12.21
N THR A 824 13.63 14.90 13.35
CA THR A 824 14.66 13.99 13.86
C THR A 824 14.89 12.85 12.90
N PHE A 825 13.84 12.35 12.26
CA PHE A 825 14.00 11.28 11.29
C PHE A 825 14.78 11.76 10.08
N GLY A 826 14.46 12.96 9.59
CA GLY A 826 15.21 13.51 8.48
C GLY A 826 16.68 13.72 8.80
N ILE A 827 16.96 14.23 10.00
CA ILE A 827 18.35 14.48 10.39
C ILE A 827 19.10 13.18 10.58
N ILE A 828 18.45 12.14 11.10
CA ILE A 828 19.12 10.86 11.25
C ILE A 828 19.35 10.21 9.90
N VAL A 829 18.43 10.39 8.96
CA VAL A 829 18.64 9.86 7.62
C VAL A 829 19.82 10.54 6.96
N LYS A 830 19.89 11.87 7.04
CA LYS A 830 20.94 12.61 6.34
C LYS A 830 22.28 12.53 7.06
N HIS A 831 22.35 13.02 8.30
CA HIS A 831 23.62 13.18 8.99
C HIS A 831 24.09 11.92 9.70
N PHE A 832 23.20 10.99 10.06
CA PHE A 832 23.57 9.77 10.79
C PHE A 832 23.09 8.53 10.05
N PRO A 833 23.54 8.28 8.83
CA PRO A 833 23.10 7.07 8.13
C PRO A 833 23.66 5.81 8.76
N LYS A 834 24.69 5.94 9.60
CA LYS A 834 25.21 4.79 10.34
C LYS A 834 24.24 4.34 11.41
N LEU A 835 23.60 5.28 12.09
CA LEU A 835 22.69 5.01 13.20
C LEU A 835 21.25 4.87 12.77
N LEU A 836 20.94 5.04 11.50
CA LEU A 836 19.56 4.89 11.04
C LEU A 836 19.04 3.47 11.16
N PRO A 837 19.79 2.41 10.84
CA PRO A 837 19.23 1.07 11.00
C PRO A 837 18.78 0.75 12.41
N LYS A 838 19.53 1.15 13.42
CA LYS A 838 19.13 0.88 14.80
C LYS A 838 17.88 1.67 15.17
N VAL A 839 17.74 2.88 14.66
CA VAL A 839 16.52 3.66 14.88
C VAL A 839 15.34 2.94 14.26
N LEU A 840 15.48 2.45 13.03
CA LEU A 840 14.37 1.81 12.36
C LEU A 840 14.02 0.49 13.01
N VAL A 841 15.01 -0.20 13.59
CA VAL A 841 14.74 -1.47 14.25
C VAL A 841 14.06 -1.26 15.60
N GLN A 842 14.46 -0.24 16.35
CA GLN A 842 13.88 0.00 17.66
C GLN A 842 12.72 0.98 17.64
N GLY A 843 12.65 1.85 16.65
CA GLY A 843 11.68 2.93 16.69
C GLY A 843 10.26 2.42 16.60
N THR A 844 9.40 2.98 17.44
CA THR A 844 7.99 2.64 17.50
C THR A 844 7.08 3.80 17.16
N VAL A 845 7.40 5.01 17.61
CA VAL A 845 6.57 6.18 17.39
C VAL A 845 7.31 7.13 16.48
N PHE A 846 6.76 7.41 15.32
CA PHE A 846 7.29 8.38 14.38
C PHE A 846 6.24 9.45 14.20
N ALA A 847 6.43 10.61 14.82
CA ALA A 847 5.45 11.67 14.82
C ALA A 847 5.91 12.83 13.96
N ARG A 848 4.99 13.71 13.63
CA ARG A 848 5.25 14.87 12.79
C ARG A 848 5.88 14.46 11.46
N MET A 849 5.43 13.34 10.91
CA MET A 849 5.99 12.80 9.68
C MET A 849 5.24 13.33 8.48
N ALA A 850 5.96 13.93 7.54
CA ALA A 850 5.38 14.38 6.29
C ALA A 850 5.08 13.18 5.39
N PRO A 851 4.17 13.33 4.42
CA PRO A 851 3.86 12.19 3.54
C PRO A 851 5.09 11.62 2.85
N GLU A 852 5.97 12.47 2.36
CA GLU A 852 7.23 11.99 1.80
C GLU A 852 8.07 11.30 2.86
N GLN A 853 7.96 11.73 4.12
CA GLN A 853 8.72 11.09 5.18
C GLN A 853 8.12 9.75 5.57
N LYS A 854 6.80 9.60 5.50
CA LYS A 854 6.20 8.29 5.70
C LYS A 854 6.62 7.33 4.61
N THR A 855 6.64 7.79 3.35
CA THR A 855 7.11 6.94 2.26
C THR A 855 8.56 6.57 2.45
N GLU A 856 9.39 7.53 2.83
CA GLU A 856 10.80 7.27 3.06
C GLU A 856 10.99 6.28 4.20
N LEU A 857 10.16 6.37 5.24
CA LEU A 857 10.28 5.44 6.36
C LEU A 857 9.89 4.04 5.95
N VAL A 858 8.82 3.89 5.18
CA VAL A 858 8.44 2.57 4.69
C VAL A 858 9.54 1.97 3.82
N CYS A 859 10.13 2.79 2.95
CA CYS A 859 11.20 2.28 2.09
C CYS A 859 12.45 1.95 2.89
N GLU A 860 12.79 2.75 3.90
CA GLU A 860 13.95 2.47 4.72
C GLU A 860 13.74 1.24 5.59
N LEU A 861 12.49 0.94 5.95
CA LEU A 861 12.21 -0.28 6.70
C LEU A 861 12.23 -1.48 5.79
N GLN A 862 11.78 -1.34 4.56
CA GLN A 862 11.87 -2.44 3.61
C GLN A 862 13.30 -2.72 3.20
N LYS A 863 14.18 -1.72 3.25
CA LYS A 863 15.59 -1.97 2.99
C LYS A 863 16.24 -2.79 4.09
N LEU A 864 15.63 -2.89 5.26
CA LEU A 864 16.06 -3.81 6.30
C LEU A 864 15.44 -5.19 6.12
N GLN A 865 14.91 -5.47 4.95
CA GLN A 865 14.31 -6.76 4.61
C GLN A 865 13.10 -7.06 5.50
N TYR A 866 12.37 -6.02 5.86
CA TYR A 866 11.04 -6.15 6.43
C TYR A 866 10.03 -6.37 5.32
N CYS A 867 8.91 -6.99 5.68
CA CYS A 867 7.70 -6.95 4.86
C CYS A 867 6.76 -6.01 5.57
N VAL A 868 6.70 -4.76 5.12
CA VAL A 868 6.03 -3.69 5.82
C VAL A 868 4.60 -3.59 5.35
N GLY A 869 3.66 -3.61 6.28
CA GLY A 869 2.29 -3.27 5.99
C GLY A 869 2.01 -1.88 6.49
N MET A 870 1.00 -1.22 5.92
CA MET A 870 0.66 0.13 6.30
C MET A 870 -0.84 0.30 6.33
N CYS A 871 -1.38 0.77 7.44
CA CYS A 871 -2.81 1.01 7.59
C CYS A 871 -3.03 2.49 7.84
N GLY A 872 -3.66 3.17 6.89
CA GLY A 872 -3.94 4.58 7.02
C GLY A 872 -5.23 4.94 6.32
N ASP A 873 -5.64 6.20 6.50
CA ASP A 873 -6.89 6.64 5.89
C ASP A 873 -6.84 8.06 5.35
N GLY A 874 -5.66 8.61 5.08
CA GLY A 874 -5.54 9.99 4.70
C GLY A 874 -4.81 10.17 3.39
N ALA A 875 -4.85 11.40 2.88
CA ALA A 875 -4.08 11.72 1.69
C ALA A 875 -2.60 11.78 1.98
N ASN A 876 -2.20 12.00 3.23
CA ASN A 876 -0.79 11.96 3.58
C ASN A 876 -0.25 10.54 3.63
N ASP A 877 -1.13 9.55 3.71
CA ASP A 877 -0.72 8.15 3.77
C ASP A 877 -0.59 7.51 2.41
N CYS A 878 -0.78 8.25 1.32
CA CYS A 878 -0.88 7.63 0.00
C CYS A 878 0.44 7.07 -0.46
N GLY A 879 1.52 7.84 -0.34
CA GLY A 879 2.81 7.33 -0.74
C GLY A 879 3.24 6.14 0.07
N ALA A 880 2.88 6.11 1.35
CA ALA A 880 3.24 4.97 2.19
C ALA A 880 2.41 3.76 1.84
N LEU A 881 1.11 3.92 1.60
CA LEU A 881 0.27 2.81 1.20
C LEU A 881 0.68 2.26 -0.15
N LYS A 882 1.26 3.08 -1.00
CA LYS A 882 1.79 2.59 -2.26
C LYS A 882 3.13 1.89 -2.08
N ALA A 883 4.00 2.44 -1.23
CA ALA A 883 5.32 1.85 -1.04
C ALA A 883 5.28 0.62 -0.14
N ALA A 884 4.27 0.50 0.71
CA ALA A 884 4.18 -0.62 1.62
C ALA A 884 3.86 -1.90 0.87
N ASP A 885 4.32 -3.03 1.43
CA ASP A 885 4.07 -4.32 0.81
C ASP A 885 2.60 -4.70 0.89
N VAL A 886 1.94 -4.37 1.99
CA VAL A 886 0.49 -4.53 2.15
C VAL A 886 -0.04 -3.22 2.73
N GLY A 887 -0.52 -2.33 1.86
CA GLY A 887 -1.11 -1.10 2.28
C GLY A 887 -2.62 -1.20 2.34
N ILE A 888 -3.18 -0.97 3.52
CA ILE A 888 -4.62 -1.07 3.75
C ILE A 888 -5.14 0.34 4.02
N SER A 889 -6.20 0.72 3.33
CA SER A 889 -6.79 2.04 3.46
C SER A 889 -8.16 1.93 4.08
N LEU A 890 -8.39 2.67 5.15
CA LEU A 890 -9.69 2.69 5.79
C LEU A 890 -10.64 3.72 5.20
N SER A 891 -10.13 4.61 4.35
CA SER A 891 -10.92 5.66 3.74
C SER A 891 -11.38 5.25 2.35
N GLN A 892 -12.41 5.94 1.87
CA GLN A 892 -12.95 5.72 0.54
C GLN A 892 -12.60 6.84 -0.42
N ALA A 893 -11.73 7.76 -0.03
CA ALA A 893 -11.39 8.91 -0.85
C ALA A 893 -9.89 9.17 -0.80
N GLU A 894 -9.28 9.31 -1.97
CA GLU A 894 -7.90 9.77 -2.15
C GLU A 894 -6.88 8.75 -1.71
N ALA A 895 -7.30 7.68 -1.04
CA ALA A 895 -6.39 6.66 -0.55
C ALA A 895 -6.78 5.25 -0.97
N SER A 896 -8.03 5.03 -1.38
CA SER A 896 -8.41 3.71 -1.87
C SER A 896 -7.80 3.50 -3.28
N VAL A 897 -7.35 4.58 -3.91
CA VAL A 897 -6.80 4.48 -5.26
C VAL A 897 -5.43 3.82 -5.23
N VAL A 898 -4.54 4.30 -4.35
CA VAL A 898 -3.17 3.84 -4.35
C VAL A 898 -3.02 2.53 -3.58
N SER A 899 -3.82 2.35 -2.54
CA SER A 899 -3.67 1.19 -1.67
C SER A 899 -4.18 -0.06 -2.36
N PRO A 900 -3.47 -1.19 -2.24
CA PRO A 900 -4.02 -2.45 -2.77
C PRO A 900 -5.32 -2.86 -2.12
N PHE A 901 -5.45 -2.63 -0.82
CA PHE A 901 -6.61 -3.01 -0.04
C PHE A 901 -7.36 -1.77 0.41
N THR A 902 -8.68 -1.90 0.54
CA THR A 902 -9.53 -0.85 1.05
C THR A 902 -10.55 -1.48 1.98
N SER A 903 -10.63 -1.00 3.20
CA SER A 903 -11.51 -1.57 4.20
C SER A 903 -12.78 -0.74 4.29
N SER A 904 -13.93 -1.40 4.25
CA SER A 904 -15.20 -0.71 4.40
C SER A 904 -15.44 -0.26 5.83
N MET A 905 -14.81 -0.91 6.80
CA MET A 905 -14.91 -0.51 8.17
C MET A 905 -13.83 0.53 8.49
N ALA A 906 -13.98 1.19 9.63
CA ALA A 906 -13.06 2.25 10.03
C ALA A 906 -11.99 1.80 11.00
N SER A 907 -12.07 0.57 11.52
CA SER A 907 -11.12 0.15 12.54
C SER A 907 -9.94 -0.56 11.86
N ILE A 908 -8.96 -0.95 12.66
CA ILE A 908 -7.80 -1.69 12.19
C ILE A 908 -8.02 -3.17 12.36
N GLU A 909 -9.28 -3.58 12.56
CA GLU A 909 -9.61 -5.00 12.59
C GLU A 909 -9.30 -5.67 11.26
N CYS A 910 -9.12 -4.90 10.18
CA CYS A 910 -8.82 -5.43 8.87
C CYS A 910 -7.37 -5.82 8.71
N VAL A 911 -6.51 -5.56 9.68
CA VAL A 911 -5.11 -5.93 9.59
C VAL A 911 -4.96 -7.41 9.92
N PRO A 912 -5.50 -7.93 11.02
CA PRO A 912 -5.41 -9.38 11.24
C PRO A 912 -6.20 -10.18 10.23
N MET A 913 -7.31 -9.67 9.72
CA MET A 913 -8.04 -10.36 8.66
C MET A 913 -7.17 -10.54 7.43
N VAL A 914 -6.52 -9.48 6.98
CA VAL A 914 -5.67 -9.56 5.81
C VAL A 914 -4.45 -10.43 6.08
N ILE A 915 -3.92 -10.41 7.30
CA ILE A 915 -2.76 -11.24 7.61
C ILE A 915 -3.12 -12.71 7.63
N ARG A 916 -4.29 -13.05 8.16
CA ARG A 916 -4.74 -14.44 8.15
C ARG A 916 -5.03 -14.92 6.74
N GLU A 917 -5.71 -14.11 5.93
CA GLU A 917 -5.97 -14.49 4.55
C GLU A 917 -4.67 -14.58 3.76
N GLY A 918 -3.69 -13.78 4.08
CA GLY A 918 -2.42 -13.84 3.38
C GLY A 918 -1.61 -15.05 3.75
N ARG A 919 -1.62 -15.44 5.02
CA ARG A 919 -0.96 -16.68 5.43
C ARG A 919 -1.64 -17.88 4.81
N CYS A 920 -2.97 -17.89 4.74
CA CYS A 920 -3.70 -18.96 4.08
C CYS A 920 -3.35 -19.02 2.60
N SER A 921 -3.35 -17.88 1.91
CA SER A 921 -3.05 -17.87 0.48
C SER A 921 -1.60 -18.25 0.22
N LEU A 922 -0.68 -17.88 1.10
CA LEU A 922 0.71 -18.28 0.90
C LEU A 922 0.88 -19.77 1.10
N ASP A 923 0.28 -20.34 2.14
CA ASP A 923 0.34 -21.78 2.33
C ASP A 923 -0.32 -22.51 1.16
N THR A 924 -1.45 -22.01 0.67
CA THR A 924 -2.15 -22.68 -0.41
C THR A 924 -1.39 -22.56 -1.71
N SER A 925 -0.69 -21.44 -1.94
CA SER A 925 0.07 -21.31 -3.16
C SER A 925 1.31 -22.20 -3.08
N PHE A 926 1.86 -22.41 -1.88
CA PHE A 926 2.91 -23.42 -1.71
C PHE A 926 2.41 -24.80 -2.08
N SER A 927 1.24 -25.19 -1.58
CA SER A 927 0.68 -26.50 -1.91
C SER A 927 0.39 -26.62 -3.39
N VAL A 928 -0.13 -25.58 -4.02
CA VAL A 928 -0.48 -25.64 -5.43
C VAL A 928 0.76 -25.68 -6.29
N PHE A 929 1.82 -24.96 -5.91
CA PHE A 929 3.06 -25.05 -6.66
C PHE A 929 3.69 -26.41 -6.51
N LYS A 930 3.68 -26.97 -5.32
CA LYS A 930 4.21 -28.32 -5.14
C LYS A 930 3.42 -29.32 -5.95
N TYR A 931 2.10 -29.16 -6.02
CA TYR A 931 1.30 -30.08 -6.82
C TYR A 931 1.59 -29.92 -8.30
N MET A 932 1.70 -28.70 -8.80
CA MET A 932 1.96 -28.53 -10.22
C MET A 932 3.36 -29.00 -10.58
N ALA A 933 4.33 -28.83 -9.70
CA ALA A 933 5.66 -29.36 -9.93
C ALA A 933 5.65 -30.88 -9.96
N LEU A 934 4.99 -31.51 -9.00
CA LEU A 934 4.93 -32.96 -8.96
C LEU A 934 4.11 -33.51 -10.12
N TYR A 935 3.09 -32.79 -10.56
CA TYR A 935 2.30 -33.20 -11.70
C TYR A 935 3.11 -33.13 -12.99
N SER A 936 3.80 -32.02 -13.23
CA SER A 936 4.63 -31.90 -14.41
C SER A 936 5.75 -32.93 -14.42
N LEU A 937 6.35 -33.20 -13.27
CA LEU A 937 7.43 -34.20 -13.22
C LEU A 937 6.89 -35.61 -13.38
N THR A 938 5.72 -35.91 -12.82
CA THR A 938 5.12 -37.22 -13.01
C THR A 938 4.76 -37.46 -14.47
N GLN A 939 4.21 -36.45 -15.13
CA GLN A 939 3.87 -36.58 -16.54
C GLN A 939 5.12 -36.64 -17.39
N PHE A 940 6.17 -35.95 -16.99
CA PHE A 940 7.48 -36.06 -17.63
C PHE A 940 8.01 -37.47 -17.56
N ILE A 941 7.97 -38.09 -16.39
CA ILE A 941 8.45 -39.45 -16.24
C ILE A 941 7.58 -40.42 -17.04
N SER A 942 6.26 -40.23 -17.01
CA SER A 942 5.36 -41.13 -17.73
C SER A 942 5.54 -41.02 -19.23
N VAL A 943 5.90 -39.85 -19.74
CA VAL A 943 6.12 -39.69 -21.17
C VAL A 943 7.52 -40.13 -21.56
N LEU A 944 8.51 -40.03 -20.67
CA LEU A 944 9.83 -40.58 -20.97
C LEU A 944 9.80 -42.10 -21.01
N ILE A 945 9.11 -42.74 -20.06
CA ILE A 945 8.99 -44.20 -20.04
C ILE A 945 8.34 -44.69 -21.32
N LEU A 946 7.46 -43.89 -21.92
CA LEU A 946 6.77 -44.29 -23.14
C LEU A 946 7.47 -43.85 -24.41
N TYR A 947 8.28 -42.81 -24.37
CA TYR A 947 9.16 -42.50 -25.50
C TYR A 947 10.23 -43.57 -25.65
N THR A 948 10.77 -44.07 -24.54
CA THR A 948 11.82 -45.07 -24.59
C THR A 948 11.38 -46.33 -25.32
N ILE A 949 10.10 -46.67 -25.26
CA ILE A 949 9.57 -47.88 -25.87
C ILE A 949 8.71 -47.57 -27.10
N ASN A 950 8.82 -46.36 -27.64
CA ASN A 950 8.15 -45.94 -28.86
C ASN A 950 6.63 -46.02 -28.72
N THR A 951 6.10 -45.25 -27.77
CA THR A 951 4.68 -45.03 -27.63
C THR A 951 4.47 -43.71 -26.93
N ASN A 952 3.24 -43.45 -26.48
CA ASN A 952 2.94 -42.21 -25.78
C ASN A 952 1.62 -42.38 -25.05
N LEU A 953 1.20 -41.33 -24.36
CA LEU A 953 -0.03 -41.39 -23.59
C LEU A 953 -1.25 -41.29 -24.48
N GLY A 954 -1.23 -40.46 -25.50
CA GLY A 954 -2.37 -40.31 -26.35
C GLY A 954 -3.17 -39.06 -26.03
N ASP A 955 -3.93 -38.58 -27.02
CA ASP A 955 -4.61 -37.30 -26.88
C ASP A 955 -5.59 -37.29 -25.73
N LEU A 956 -6.37 -38.35 -25.56
CA LEU A 956 -7.44 -38.31 -24.56
C LEU A 956 -6.95 -38.66 -23.17
N GLN A 957 -5.93 -39.49 -23.05
CA GLN A 957 -5.31 -39.68 -21.75
C GLN A 957 -4.60 -38.42 -21.29
N PHE A 958 -3.90 -37.77 -22.20
CA PHE A 958 -3.31 -36.47 -21.91
C PHE A 958 -4.37 -35.47 -21.51
N LEU A 959 -5.51 -35.45 -22.20
CA LEU A 959 -6.56 -34.50 -21.88
C LEU A 959 -7.19 -34.79 -20.54
N ALA A 960 -7.44 -36.06 -20.23
CA ALA A 960 -7.91 -36.42 -18.90
C ALA A 960 -6.97 -35.91 -17.84
N ILE A 961 -5.70 -36.26 -17.92
CA ILE A 961 -4.71 -35.85 -16.93
C ILE A 961 -4.59 -34.34 -16.82
N ASP A 962 -4.68 -33.63 -17.94
CA ASP A 962 -4.42 -32.19 -17.95
C ASP A 962 -5.63 -31.40 -17.51
N LEU A 963 -6.82 -31.75 -17.98
CA LEU A 963 -8.03 -31.02 -17.66
C LEU A 963 -8.76 -31.65 -16.47
N VAL A 964 -9.22 -32.89 -16.62
CA VAL A 964 -10.21 -33.42 -15.69
C VAL A 964 -9.63 -33.57 -14.30
N ILE A 965 -8.42 -34.13 -14.20
CA ILE A 965 -7.81 -34.33 -12.90
C ILE A 965 -7.18 -33.04 -12.40
N THR A 966 -6.39 -32.37 -13.24
CA THR A 966 -5.56 -31.28 -12.77
C THR A 966 -6.37 -30.02 -12.49
N THR A 967 -7.30 -29.65 -13.36
CA THR A 967 -8.11 -28.47 -13.10
C THR A 967 -8.97 -28.66 -11.86
N THR A 968 -9.63 -29.81 -11.75
CA THR A 968 -10.40 -30.13 -10.56
C THR A 968 -9.55 -30.02 -9.31
N VAL A 969 -8.38 -30.65 -9.30
CA VAL A 969 -7.53 -30.67 -8.13
C VAL A 969 -7.04 -29.27 -7.79
N ALA A 970 -6.55 -28.53 -8.77
CA ALA A 970 -5.98 -27.22 -8.51
C ALA A 970 -7.02 -26.18 -8.17
N VAL A 971 -8.28 -26.40 -8.53
CA VAL A 971 -9.35 -25.49 -8.13
C VAL A 971 -9.92 -25.85 -6.77
N LEU A 972 -9.93 -27.13 -6.40
CA LEU A 972 -10.48 -27.53 -5.11
C LEU A 972 -9.45 -27.68 -4.02
N MET A 973 -8.16 -27.57 -4.35
CA MET A 973 -7.13 -27.46 -3.33
C MET A 973 -7.12 -26.08 -2.71
N SER A 974 -7.29 -25.06 -3.55
CA SER A 974 -7.24 -23.65 -3.27
C SER A 974 -8.47 -23.14 -2.60
N ARG A 975 -9.31 -24.05 -2.11
CA ARG A 975 -10.64 -23.73 -1.65
C ARG A 975 -10.72 -23.47 -0.16
N THR A 976 -9.97 -24.20 0.64
CA THR A 976 -10.13 -24.16 2.08
C THR A 976 -9.63 -22.83 2.65
N GLY A 977 -10.32 -22.33 3.66
CA GLY A 977 -10.09 -21.00 4.17
C GLY A 977 -9.03 -20.94 5.23
N PRO A 978 -8.79 -19.75 5.79
CA PRO A 978 -7.73 -19.59 6.77
C PRO A 978 -8.12 -20.11 8.14
N ALA A 979 -7.11 -20.34 8.96
CA ALA A 979 -7.34 -20.70 10.34
C ALA A 979 -7.97 -19.52 11.09
N LEU A 980 -8.74 -19.83 12.12
CA LEU A 980 -9.53 -18.80 12.78
C LEU A 980 -8.71 -17.92 13.71
N VAL A 981 -7.44 -18.23 13.94
CA VAL A 981 -6.62 -17.52 14.91
C VAL A 981 -5.23 -17.30 14.33
N LEU A 982 -4.64 -16.16 14.62
CA LEU A 982 -3.28 -15.88 14.20
C LEU A 982 -2.29 -16.59 15.11
N GLY A 983 -1.22 -17.10 14.52
CA GLY A 983 -0.16 -17.75 15.25
C GLY A 983 1.13 -16.97 15.15
N ARG A 984 2.10 -17.38 15.96
CA ARG A 984 3.36 -16.66 16.02
C ARG A 984 4.30 -16.98 14.88
N VAL A 985 4.06 -18.07 14.15
CA VAL A 985 4.93 -18.52 13.07
C VAL A 985 4.24 -18.25 11.75
N ARG A 986 4.98 -17.65 10.81
CA ARG A 986 4.46 -17.32 9.49
C ARG A 986 4.88 -18.35 8.47
N PRO A 987 4.17 -18.46 7.35
CA PRO A 987 4.52 -19.48 6.37
C PRO A 987 5.88 -19.20 5.77
N PRO A 988 6.59 -20.23 5.29
CA PRO A 988 7.85 -19.98 4.60
C PRO A 988 7.62 -19.15 3.35
N GLY A 989 8.59 -18.31 3.04
CA GLY A 989 8.49 -17.44 1.88
C GLY A 989 9.36 -17.85 0.72
N ALA A 990 10.08 -18.95 0.82
CA ALA A 990 10.98 -19.41 -0.22
C ALA A 990 10.47 -20.72 -0.80
N LEU A 991 10.31 -20.77 -2.12
CA LEU A 991 9.91 -21.98 -2.81
C LEU A 991 11.09 -22.89 -3.13
N LEU A 992 12.31 -22.48 -2.79
CA LEU A 992 13.48 -23.31 -2.93
C LEU A 992 13.97 -23.84 -1.59
N SER A 993 13.13 -23.76 -0.57
CA SER A 993 13.48 -24.26 0.76
C SER A 993 13.92 -25.71 0.68
N VAL A 994 14.82 -26.09 1.58
CA VAL A 994 15.16 -27.51 1.71
C VAL A 994 13.96 -28.37 2.05
N PRO A 995 13.00 -27.94 2.87
CA PRO A 995 11.78 -28.72 2.99
C PRO A 995 11.03 -28.90 1.67
N VAL A 996 10.83 -27.84 0.91
CA VAL A 996 10.07 -27.94 -0.34
C VAL A 996 10.80 -28.82 -1.35
N LEU A 997 12.09 -28.57 -1.55
CA LEU A 997 12.84 -29.34 -2.53
C LEU A 997 13.01 -30.78 -2.08
N SER A 998 13.16 -31.03 -0.78
CA SER A 998 13.25 -32.40 -0.30
C SER A 998 11.92 -33.13 -0.48
N SER A 999 10.81 -32.44 -0.24
CA SER A 999 9.50 -33.03 -0.50
C SER A 999 9.34 -33.38 -1.96
N LEU A 1000 9.66 -32.46 -2.86
CA LEU A 1000 9.54 -32.75 -4.28
C LEU A 1000 10.44 -33.90 -4.69
N LEU A 1001 11.68 -33.92 -4.21
CA LEU A 1001 12.62 -34.96 -4.59
C LEU A 1001 12.15 -36.33 -4.12
N LEU A 1002 11.74 -36.44 -2.86
CA LEU A 1002 11.33 -37.76 -2.35
C LEU A 1002 10.00 -38.19 -2.94
N GLN A 1003 9.06 -37.27 -3.13
CA GLN A 1003 7.81 -37.61 -3.78
C GLN A 1003 8.04 -38.12 -5.18
N MET A 1004 8.94 -37.48 -5.93
CA MET A 1004 9.21 -37.93 -7.29
C MET A 1004 10.00 -39.22 -7.32
N VAL A 1005 10.87 -39.46 -6.34
CA VAL A 1005 11.53 -40.74 -6.24
C VAL A 1005 10.50 -41.85 -6.04
N LEU A 1006 9.54 -41.62 -5.15
CA LEU A 1006 8.48 -42.61 -4.94
C LEU A 1006 7.62 -42.78 -6.18
N VAL A 1007 7.33 -41.69 -6.89
CA VAL A 1007 6.49 -41.74 -8.08
C VAL A 1007 7.16 -42.55 -9.17
N THR A 1008 8.41 -42.23 -9.48
CA THR A 1008 9.13 -42.99 -10.51
C THR A 1008 9.37 -44.43 -10.08
N GLY A 1009 9.55 -44.67 -8.79
CA GLY A 1009 9.65 -46.03 -8.32
C GLY A 1009 8.40 -46.82 -8.59
N VAL A 1010 7.24 -46.25 -8.28
CA VAL A 1010 5.98 -46.96 -8.49
C VAL A 1010 5.73 -47.16 -9.98
N GLN A 1011 5.98 -46.15 -10.79
CA GLN A 1011 5.72 -46.28 -12.23
C GLN A 1011 6.64 -47.30 -12.87
N LEU A 1012 7.93 -47.27 -12.55
CA LEU A 1012 8.85 -48.27 -13.10
C LEU A 1012 8.58 -49.65 -12.54
N GLY A 1013 8.15 -49.75 -11.29
CA GLY A 1013 7.77 -51.04 -10.75
C GLY A 1013 6.57 -51.62 -11.47
N GLY A 1014 5.56 -50.81 -11.73
CA GLY A 1014 4.42 -51.30 -12.49
C GLY A 1014 4.78 -51.68 -13.91
N TYR A 1015 5.61 -50.86 -14.56
CA TYR A 1015 6.00 -51.15 -15.93
C TYR A 1015 6.83 -52.43 -16.00
N PHE A 1016 7.67 -52.69 -15.01
CA PHE A 1016 8.53 -53.86 -15.06
C PHE A 1016 7.82 -55.12 -14.57
N LEU A 1017 6.84 -55.01 -13.68
CA LEU A 1017 6.00 -56.16 -13.37
C LEU A 1017 5.09 -56.48 -14.54
N THR A 1018 4.72 -55.47 -15.33
CA THR A 1018 3.97 -55.76 -16.55
C THR A 1018 4.76 -56.65 -17.48
N LEU A 1019 6.08 -56.46 -17.55
CA LEU A 1019 6.91 -57.23 -18.46
C LEU A 1019 7.05 -58.68 -18.01
N ALA A 1020 7.06 -58.91 -16.70
CA ALA A 1020 7.26 -60.26 -16.20
C ALA A 1020 6.02 -61.13 -16.34
N GLN A 1021 4.90 -60.57 -16.78
CA GLN A 1021 3.68 -61.35 -16.89
C GLN A 1021 3.72 -62.25 -18.12
N PRO A 1022 3.05 -63.40 -18.07
CA PRO A 1022 3.05 -64.29 -19.24
C PRO A 1022 2.18 -63.78 -20.37
N TRP A 1023 0.99 -63.24 -20.07
CA TRP A 1023 0.09 -62.75 -21.11
C TRP A 1023 0.58 -61.47 -21.76
N PHE A 1024 1.63 -60.85 -21.24
CA PHE A 1024 2.12 -59.60 -21.78
C PHE A 1024 2.72 -59.80 -23.16
N VAL A 1025 2.43 -58.88 -24.07
CA VAL A 1025 3.00 -58.90 -25.41
C VAL A 1025 3.51 -57.50 -25.75
N PRO A 1026 4.61 -57.38 -26.50
CA PRO A 1026 5.12 -56.05 -26.86
C PRO A 1026 4.15 -55.21 -27.68
N LEU A 1027 4.54 -53.98 -27.99
CA LEU A 1027 3.62 -52.93 -28.42
C LEU A 1027 3.72 -52.61 -29.89
N ASN A 1028 4.36 -53.45 -30.70
CA ASN A 1028 4.52 -53.19 -32.14
C ASN A 1028 5.27 -51.88 -32.38
N ARG A 1029 6.54 -51.88 -31.97
CA ARG A 1029 7.37 -50.68 -32.01
C ARG A 1029 7.55 -50.12 -33.41
N THR A 1030 7.24 -50.89 -34.46
CA THR A 1030 7.53 -50.44 -35.82
C THR A 1030 6.74 -49.20 -36.20
N VAL A 1031 5.59 -48.98 -35.57
CA VAL A 1031 4.80 -47.78 -35.78
C VAL A 1031 4.61 -47.08 -34.45
N ALA A 1032 4.62 -45.75 -34.47
CA ALA A 1032 4.64 -44.95 -33.26
C ALA A 1032 3.23 -44.46 -32.91
N ALA A 1033 3.09 -43.99 -31.68
CA ALA A 1033 1.80 -43.55 -31.17
C ALA A 1033 1.26 -42.39 -32.01
N PRO A 1034 -0.06 -42.23 -32.10
CA PRO A 1034 -1.10 -43.04 -31.47
C PRO A 1034 -1.53 -44.24 -32.30
N ASP A 1035 -0.66 -44.68 -33.21
CA ASP A 1035 -1.02 -45.78 -34.08
C ASP A 1035 -0.92 -47.13 -33.36
N ASN A 1036 0.02 -47.28 -32.45
CA ASN A 1036 0.18 -48.54 -31.74
C ASN A 1036 -0.63 -48.61 -30.46
N LEU A 1037 -1.43 -47.59 -30.15
CA LEU A 1037 -2.32 -47.69 -29.00
C LEU A 1037 -3.58 -48.44 -29.41
N PRO A 1038 -4.17 -49.23 -28.50
CA PRO A 1038 -3.77 -49.48 -27.12
C PRO A 1038 -2.74 -50.58 -26.95
N ASN A 1039 -1.93 -50.47 -25.90
CA ASN A 1039 -0.92 -51.45 -25.56
C ASN A 1039 -0.84 -51.57 -24.05
N TYR A 1040 -0.25 -52.67 -23.57
CA TYR A 1040 -0.21 -52.92 -22.15
C TYR A 1040 0.68 -51.92 -21.42
N GLU A 1041 1.75 -51.47 -22.08
CA GLU A 1041 2.66 -50.53 -21.46
C GLU A 1041 1.98 -49.20 -21.19
N ASN A 1042 1.33 -48.62 -22.20
CA ASN A 1042 0.56 -47.40 -21.99
C ASN A 1042 -0.55 -47.58 -21.00
N THR A 1043 -1.27 -48.69 -21.09
CA THR A 1043 -2.37 -48.94 -20.16
C THR A 1043 -1.88 -48.92 -18.72
N VAL A 1044 -0.77 -49.60 -18.45
CA VAL A 1044 -0.28 -49.70 -17.08
C VAL A 1044 0.29 -48.37 -16.61
N VAL A 1045 1.05 -47.69 -17.46
CA VAL A 1045 1.64 -46.42 -17.06
C VAL A 1045 0.55 -45.38 -16.81
N PHE A 1046 -0.50 -45.37 -17.62
CA PHE A 1046 -1.60 -44.44 -17.40
C PHE A 1046 -2.40 -44.82 -16.16
N SER A 1047 -2.66 -46.11 -15.96
CA SER A 1047 -3.42 -46.52 -14.78
C SER A 1047 -2.70 -46.14 -13.50
N LEU A 1048 -1.38 -46.22 -13.47
CA LEU A 1048 -0.64 -45.81 -12.28
C LEU A 1048 -0.57 -44.30 -12.15
N SER A 1049 -0.16 -43.62 -13.22
CA SER A 1049 0.03 -42.17 -13.18
C SER A 1049 -1.25 -41.43 -12.84
N SER A 1050 -2.39 -41.90 -13.33
CA SER A 1050 -3.65 -41.21 -13.09
C SER A 1050 -3.99 -41.20 -11.60
N PHE A 1051 -3.75 -42.31 -10.91
CA PHE A 1051 -3.93 -42.33 -9.46
C PHE A 1051 -2.88 -41.48 -8.77
N GLN A 1052 -1.66 -41.46 -9.29
CA GLN A 1052 -0.59 -40.71 -8.65
C GLN A 1052 -0.89 -39.23 -8.61
N TYR A 1053 -1.58 -38.71 -9.62
CA TYR A 1053 -1.93 -37.29 -9.59
C TYR A 1053 -2.83 -36.96 -8.42
N LEU A 1054 -3.86 -37.77 -8.18
CA LEU A 1054 -4.74 -37.55 -7.04
C LEU A 1054 -3.99 -37.75 -5.72
N ILE A 1055 -3.12 -38.76 -5.65
CA ILE A 1055 -2.37 -39.02 -4.43
C ILE A 1055 -1.51 -37.82 -4.08
N LEU A 1056 -0.79 -37.27 -5.06
CA LEU A 1056 0.08 -36.13 -4.80
C LEU A 1056 -0.74 -34.89 -4.46
N ALA A 1057 -1.88 -34.71 -5.12
CA ALA A 1057 -2.80 -33.64 -4.75
C ALA A 1057 -3.16 -33.68 -3.29
N ALA A 1058 -3.59 -34.84 -2.82
CA ALA A 1058 -3.98 -34.96 -1.41
C ALA A 1058 -2.78 -34.88 -0.48
N ALA A 1059 -1.59 -35.28 -0.94
CA ALA A 1059 -0.43 -35.29 -0.08
C ALA A 1059 0.10 -33.89 0.17
N VAL A 1060 0.17 -33.05 -0.87
CA VAL A 1060 0.75 -31.73 -0.71
C VAL A 1060 -0.16 -30.76 0.02
N SER A 1061 -1.46 -31.04 0.13
CA SER A 1061 -2.37 -30.16 0.82
C SER A 1061 -2.21 -30.27 2.33
N LYS A 1062 -2.32 -29.14 3.01
CA LYS A 1062 -2.12 -29.08 4.45
C LYS A 1062 -3.33 -28.41 5.10
N GLY A 1063 -3.38 -28.48 6.42
CA GLY A 1063 -4.39 -27.79 7.18
C GLY A 1063 -3.80 -26.76 8.10
N ALA A 1064 -3.79 -27.04 9.40
CA ALA A 1064 -3.17 -26.16 10.36
C ALA A 1064 -1.68 -26.02 10.06
N PRO A 1065 -1.04 -24.93 10.54
CA PRO A 1065 -1.57 -23.84 11.35
C PRO A 1065 -2.14 -22.65 10.58
N PHE A 1066 -2.09 -22.67 9.24
CA PHE A 1066 -2.47 -21.53 8.44
C PHE A 1066 -3.80 -21.68 7.75
N ARG A 1067 -4.31 -22.89 7.58
CA ARG A 1067 -5.58 -23.14 6.91
C ARG A 1067 -6.48 -23.96 7.82
N ARG A 1068 -7.73 -24.09 7.43
CA ARG A 1068 -8.62 -25.01 8.11
C ARG A 1068 -8.21 -26.44 7.79
N PRO A 1069 -8.49 -27.39 8.69
CA PRO A 1069 -8.06 -28.77 8.45
C PRO A 1069 -8.57 -29.29 7.13
N LEU A 1070 -7.81 -30.21 6.53
CA LEU A 1070 -8.14 -30.69 5.19
C LEU A 1070 -9.46 -31.44 5.16
N TYR A 1071 -9.83 -32.12 6.25
CA TYR A 1071 -11.07 -32.86 6.26
C TYR A 1071 -12.29 -31.96 6.25
N THR A 1072 -12.13 -30.65 6.41
CA THR A 1072 -13.24 -29.73 6.23
C THR A 1072 -13.48 -29.40 4.76
N ASN A 1073 -12.49 -29.61 3.90
CA ASN A 1073 -12.61 -29.38 2.46
C ASN A 1073 -13.40 -30.54 1.85
N VAL A 1074 -14.69 -30.56 2.13
CA VAL A 1074 -15.53 -31.67 1.69
C VAL A 1074 -15.65 -31.72 0.17
N PRO A 1075 -15.74 -30.61 -0.56
CA PRO A 1075 -15.66 -30.72 -2.03
C PRO A 1075 -14.38 -31.38 -2.51
N PHE A 1076 -13.24 -31.09 -1.91
CA PHE A 1076 -11.99 -31.69 -2.36
C PHE A 1076 -11.94 -33.17 -2.06
N LEU A 1077 -12.36 -33.59 -0.87
CA LEU A 1077 -12.36 -35.00 -0.53
C LEU A 1077 -13.36 -35.77 -1.38
N VAL A 1078 -14.53 -35.18 -1.66
CA VAL A 1078 -15.50 -35.83 -2.53
C VAL A 1078 -14.97 -35.92 -3.95
N ALA A 1079 -14.27 -34.89 -4.43
CA ALA A 1079 -13.70 -34.94 -5.77
C ALA A 1079 -12.62 -36.00 -5.87
N LEU A 1080 -11.77 -36.10 -4.85
CA LEU A 1080 -10.75 -37.16 -4.84
C LEU A 1080 -11.39 -38.53 -4.82
N ALA A 1081 -12.44 -38.72 -4.03
CA ALA A 1081 -13.14 -40.00 -3.99
C ALA A 1081 -13.77 -40.32 -5.33
N LEU A 1082 -14.39 -39.34 -5.99
CA LEU A 1082 -15.06 -39.61 -7.25
C LEU A 1082 -14.08 -39.87 -8.37
N LEU A 1083 -12.98 -39.11 -8.43
CA LEU A 1083 -11.97 -39.37 -9.45
C LEU A 1083 -11.27 -40.70 -9.21
N SER A 1084 -10.99 -41.04 -7.96
CA SER A 1084 -10.42 -42.35 -7.67
C SER A 1084 -11.39 -43.46 -8.03
N SER A 1085 -12.69 -43.25 -7.82
CA SER A 1085 -13.68 -44.24 -8.23
C SER A 1085 -13.70 -44.40 -9.74
N VAL A 1086 -13.61 -43.29 -10.48
CA VAL A 1086 -13.58 -43.36 -11.94
C VAL A 1086 -12.35 -44.13 -12.40
N LEU A 1087 -11.20 -43.89 -11.77
CA LEU A 1087 -9.98 -44.56 -12.20
C LEU A 1087 -9.99 -46.03 -11.80
N VAL A 1088 -10.55 -46.36 -10.65
CA VAL A 1088 -10.71 -47.76 -10.26
C VAL A 1088 -11.69 -48.45 -11.20
N GLY A 1089 -12.70 -47.75 -11.68
CA GLY A 1089 -13.57 -48.32 -12.69
C GLY A 1089 -12.86 -48.52 -14.01
N LEU A 1090 -11.94 -47.63 -14.35
CA LEU A 1090 -11.10 -47.84 -15.53
C LEU A 1090 -10.28 -49.11 -15.40
N VAL A 1091 -9.67 -49.31 -14.23
CA VAL A 1091 -8.76 -50.45 -14.06
C VAL A 1091 -9.54 -51.75 -13.97
N LEU A 1092 -10.60 -51.79 -13.18
CA LEU A 1092 -11.32 -53.03 -12.89
C LEU A 1092 -12.41 -53.33 -13.91
N VAL A 1093 -13.39 -52.44 -14.03
CA VAL A 1093 -14.54 -52.67 -14.88
C VAL A 1093 -14.10 -52.81 -16.33
N PRO A 1094 -14.39 -53.92 -16.99
CA PRO A 1094 -13.89 -54.14 -18.36
C PRO A 1094 -14.62 -53.28 -19.37
N GLY A 1095 -13.88 -52.82 -20.37
CA GLY A 1095 -14.46 -52.08 -21.47
C GLY A 1095 -15.05 -50.74 -21.09
N LEU A 1096 -14.77 -50.24 -19.89
CA LEU A 1096 -15.30 -48.96 -19.43
C LEU A 1096 -14.32 -47.86 -19.84
N LEU A 1097 -14.75 -46.99 -20.75
CA LEU A 1097 -13.95 -45.85 -21.21
C LEU A 1097 -12.59 -46.29 -21.74
N GLN A 1098 -12.51 -47.52 -22.23
CA GLN A 1098 -11.31 -48.02 -22.86
C GLN A 1098 -11.31 -47.83 -24.37
N GLY A 1099 -12.43 -47.43 -24.94
CA GLY A 1099 -12.49 -47.05 -26.32
C GLY A 1099 -12.00 -45.62 -26.53
N PRO A 1100 -12.57 -44.67 -25.79
CA PRO A 1100 -12.09 -43.28 -25.91
C PRO A 1100 -10.68 -43.09 -25.44
N LEU A 1101 -10.34 -43.59 -24.26
CA LEU A 1101 -9.01 -43.42 -23.69
C LEU A 1101 -7.97 -44.33 -24.33
N ALA A 1102 -8.37 -45.30 -25.14
CA ALA A 1102 -7.47 -46.22 -25.82
C ALA A 1102 -6.64 -47.01 -24.82
N LEU A 1103 -7.33 -47.73 -23.96
CA LEU A 1103 -6.73 -48.56 -22.93
C LEU A 1103 -6.91 -50.02 -23.27
N ARG A 1104 -5.83 -50.79 -23.21
CA ARG A 1104 -5.91 -52.23 -23.42
C ARG A 1104 -6.59 -52.89 -22.23
N ASN A 1105 -7.43 -53.86 -22.50
CA ASN A 1105 -8.17 -54.57 -21.46
C ASN A 1105 -7.30 -55.70 -20.92
N ILE A 1106 -6.96 -55.62 -19.63
CA ILE A 1106 -6.19 -56.65 -18.96
C ILE A 1106 -7.17 -57.63 -18.33
N THR A 1107 -7.13 -58.88 -18.78
CA THR A 1107 -8.05 -59.90 -18.29
C THR A 1107 -7.60 -60.51 -16.97
N ASP A 1108 -6.33 -60.39 -16.62
CA ASP A 1108 -5.78 -61.02 -15.43
C ASP A 1108 -6.17 -60.18 -14.22
N THR A 1109 -7.15 -60.64 -13.44
CA THR A 1109 -7.61 -59.89 -12.28
C THR A 1109 -6.53 -59.79 -11.21
N GLY A 1110 -5.67 -60.80 -11.12
CA GLY A 1110 -4.57 -60.72 -10.17
C GLY A 1110 -3.64 -59.56 -10.46
N PHE A 1111 -3.37 -59.28 -11.74
CA PHE A 1111 -2.51 -58.17 -12.08
C PHE A 1111 -3.18 -56.84 -11.82
N LYS A 1112 -4.49 -56.74 -12.03
CA LYS A 1112 -5.19 -55.51 -11.71
C LYS A 1112 -5.16 -55.26 -10.22
N LEU A 1113 -5.36 -56.29 -9.40
CA LEU A 1113 -5.27 -56.12 -7.95
C LEU A 1113 -3.85 -55.81 -7.53
N LEU A 1114 -2.85 -56.32 -8.24
CA LEU A 1114 -1.46 -55.98 -7.93
C LEU A 1114 -1.17 -54.52 -8.25
N LEU A 1115 -1.70 -54.02 -9.37
CA LEU A 1115 -1.55 -52.60 -9.68
C LEU A 1115 -2.25 -51.73 -8.63
N LEU A 1116 -3.43 -52.14 -8.19
CA LEU A 1116 -4.14 -51.37 -7.18
C LEU A 1116 -3.40 -51.40 -5.84
N GLY A 1117 -2.84 -52.54 -5.46
CA GLY A 1117 -2.03 -52.60 -4.27
C GLY A 1117 -0.76 -51.79 -4.37
N LEU A 1118 -0.18 -51.71 -5.57
CA LEU A 1118 1.01 -50.89 -5.78
C LEU A 1118 0.69 -49.42 -5.63
N VAL A 1119 -0.43 -48.97 -6.20
CA VAL A 1119 -0.76 -47.57 -6.08
C VAL A 1119 -1.30 -47.25 -4.70
N THR A 1120 -1.81 -48.23 -3.96
CA THR A 1120 -2.15 -48.02 -2.55
C THR A 1120 -0.89 -47.90 -1.70
N LEU A 1121 0.12 -48.71 -2.00
CA LEU A 1121 1.44 -48.50 -1.42
C LEU A 1121 1.92 -47.07 -1.66
N ASN A 1122 1.70 -46.56 -2.87
CA ASN A 1122 2.08 -45.17 -3.14
C ASN A 1122 1.23 -44.18 -2.35
N PHE A 1123 -0.06 -44.45 -2.21
CA PHE A 1123 -0.93 -43.56 -1.44
C PHE A 1123 -0.50 -43.48 0.00
N VAL A 1124 -0.06 -44.60 0.57
CA VAL A 1124 0.44 -44.59 1.94
C VAL A 1124 1.80 -43.92 2.01
N GLY A 1125 2.69 -44.22 1.07
CA GLY A 1125 4.04 -43.68 1.12
C GLY A 1125 4.09 -42.19 0.94
N ALA A 1126 3.23 -41.63 0.10
CA ALA A 1126 3.23 -40.18 -0.10
C ALA A 1126 2.84 -39.46 1.17
N PHE A 1127 1.78 -39.90 1.83
CA PHE A 1127 1.34 -39.27 3.06
C PHE A 1127 2.37 -39.46 4.18
N MET A 1128 2.95 -40.65 4.29
CA MET A 1128 3.97 -40.87 5.32
C MET A 1128 5.21 -40.04 5.05
N LEU A 1129 5.60 -39.88 3.79
CA LEU A 1129 6.74 -39.03 3.47
C LEU A 1129 6.47 -37.58 3.83
N GLU A 1130 5.31 -37.06 3.44
CA GLU A 1130 4.99 -35.68 3.76
C GLU A 1130 4.98 -35.46 5.27
N SER A 1131 4.33 -36.36 6.01
CA SER A 1131 4.23 -36.19 7.46
C SER A 1131 5.60 -36.29 8.11
N VAL A 1132 6.38 -37.30 7.75
CA VAL A 1132 7.70 -37.49 8.34
C VAL A 1132 8.59 -36.29 8.06
N LEU A 1133 8.58 -35.79 6.83
CA LEU A 1133 9.36 -34.61 6.51
C LEU A 1133 8.93 -33.42 7.36
N ASP A 1134 7.64 -33.08 7.32
CA ASP A 1134 7.17 -31.89 8.03
C ASP A 1134 7.46 -31.98 9.53
N GLN A 1135 7.39 -33.17 10.10
CA GLN A 1135 7.57 -33.27 11.55
C GLN A 1135 9.05 -33.34 11.94
N CYS A 1136 9.89 -33.97 11.13
CA CYS A 1136 11.27 -34.23 11.52
C CYS A 1136 12.28 -33.27 10.90
N LEU A 1137 12.15 -32.98 9.60
CA LEU A 1137 13.17 -32.19 8.92
C LEU A 1137 13.46 -30.84 9.56
N PRO A 1138 12.51 -30.09 10.11
CA PRO A 1138 12.89 -28.91 10.88
C PRO A 1138 13.81 -29.24 12.05
N ALA A 1139 13.45 -30.25 12.84
CA ALA A 1139 14.27 -30.63 13.98
C ALA A 1139 15.63 -31.14 13.52
N CYS A 1140 15.67 -31.95 12.47
CA CYS A 1140 16.93 -32.49 11.98
C CYS A 1140 17.81 -31.37 11.43
N LEU A 1141 17.21 -30.38 10.78
CA LEU A 1141 17.99 -29.26 10.25
C LEU A 1141 18.53 -28.38 11.37
N ARG A 1142 17.75 -28.21 12.44
CA ARG A 1142 18.25 -27.49 13.60
C ARG A 1142 19.38 -28.25 14.28
N ARG A 1143 19.27 -29.58 14.34
CA ARG A 1143 20.27 -30.37 15.05
C ARG A 1143 21.57 -30.51 14.27
N LEU A 1144 21.49 -30.64 12.94
CA LEU A 1144 22.70 -30.87 12.16
C LEU A 1144 23.43 -29.56 11.87
N ARG A 1145 22.77 -28.63 11.19
CA ARG A 1145 23.39 -27.36 10.79
C ARG A 1145 22.67 -26.23 11.52
N PRO A 1146 23.15 -25.83 12.69
CA PRO A 1146 22.50 -24.73 13.43
C PRO A 1146 22.72 -23.40 12.73
N LYS A 1147 21.63 -22.81 12.23
CA LYS A 1147 21.69 -21.50 11.59
C LYS A 1147 21.77 -20.44 12.68
N ARG A 1148 23.00 -20.18 13.13
CA ARG A 1148 23.23 -19.21 14.18
C ARG A 1148 23.11 -17.78 13.69
N ALA A 1149 23.09 -17.56 12.38
CA ALA A 1149 23.04 -16.24 11.79
C ALA A 1149 21.86 -16.15 10.83
N SER A 1150 21.03 -15.13 10.99
CA SER A 1150 19.92 -14.87 10.09
C SER A 1150 20.35 -13.89 9.00
N LYS A 1151 20.00 -14.19 7.76
CA LYS A 1151 20.43 -13.35 6.66
C LYS A 1151 19.59 -12.08 6.56
N LYS A 1152 18.41 -12.06 7.19
CA LYS A 1152 17.62 -10.85 7.26
C LYS A 1152 18.40 -9.75 7.98
N ARG A 1153 18.36 -8.54 7.44
CA ARG A 1153 19.16 -7.47 8.00
C ARG A 1153 18.62 -7.00 9.33
N PHE A 1154 17.29 -6.91 9.46
CA PHE A 1154 16.72 -6.47 10.73
C PHE A 1154 16.96 -7.49 11.83
N LYS A 1155 17.10 -8.77 11.50
CA LYS A 1155 17.39 -9.77 12.52
C LYS A 1155 18.82 -9.67 12.99
N GLN A 1156 19.76 -9.40 12.09
CA GLN A 1156 21.13 -9.10 12.49
C GLN A 1156 21.19 -7.88 13.38
N LEU A 1157 20.42 -6.85 13.05
CA LEU A 1157 20.41 -5.64 13.87
C LEU A 1157 19.81 -5.91 15.24
N GLU A 1158 18.73 -6.68 15.31
CA GLU A 1158 18.15 -7.02 16.59
C GLU A 1158 19.13 -7.82 17.44
N ARG A 1159 19.82 -8.77 16.83
CA ARG A 1159 20.82 -9.54 17.56
C ARG A 1159 21.93 -8.69 18.11
N GLU A 1160 22.50 -7.83 17.27
CA GLU A 1160 23.60 -6.99 17.73
C GLU A 1160 23.14 -5.94 18.73
N LEU A 1161 21.86 -5.57 18.69
CA LEU A 1161 21.33 -4.67 19.71
C LEU A 1161 21.15 -5.38 21.04
N ALA A 1162 20.66 -6.63 21.01
CA ALA A 1162 20.58 -7.41 22.24
C ALA A 1162 21.96 -7.67 22.81
N GLU A 1163 22.98 -7.76 21.96
CA GLU A 1163 24.34 -7.88 22.45
C GLU A 1163 24.82 -6.58 23.09
N GLN A 1164 24.54 -5.45 22.46
CA GLN A 1164 25.00 -4.14 22.94
C GLN A 1164 23.93 -3.10 22.62
N PRO A 1165 23.17 -2.64 23.61
CA PRO A 1165 22.13 -1.65 23.34
C PRO A 1165 22.72 -0.36 22.82
N TRP A 1166 22.05 0.25 21.85
CA TRP A 1166 22.62 1.43 21.22
C TRP A 1166 22.51 2.66 22.12
N PRO A 1167 21.32 3.12 22.51
CA PRO A 1167 21.25 4.26 23.43
C PRO A 1167 21.45 3.79 24.85
N PRO A 1168 22.58 4.11 25.48
CA PRO A 1168 22.97 3.61 26.80
C PRO A 1168 21.91 3.87 27.88
P PO4 B . -2.27 10.93 10.99
O1 PO4 B . -1.85 9.86 11.92
O2 PO4 B . -3.48 10.48 10.23
O3 PO4 B . -1.17 11.08 10.02
O4 PO4 B . -2.47 12.12 11.88
MG MG C . -5.10 9.73 9.45
N1 SPM D . 0.19 -30.85 -21.12
C2 SPM D . 1.27 -31.59 -21.77
C3 SPM D . 1.15 -31.45 -23.29
C4 SPM D . 0.76 -32.80 -23.87
N5 SPM D . 0.60 -32.69 -25.32
C6 SPM D . 0.06 -33.98 -25.75
C7 SPM D . -0.05 -34.05 -27.27
C8 SPM D . -0.40 -35.48 -27.65
C9 SPM D . -0.41 -35.63 -29.17
N10 SPM D . -0.57 -37.05 -29.52
C11 SPM D . -0.29 -37.21 -30.96
C12 SPM D . -1.54 -36.88 -31.77
C13 SPM D . -1.16 -36.83 -33.25
N14 SPM D . -2.35 -36.97 -34.07
HN11 SPM D . 0.28 -31.02 -20.13
HN12 SPM D . 0.37 -29.87 -21.27
H21 SPM D . 2.23 -31.21 -21.44
H22 SPM D . 1.19 -32.65 -21.51
H31 SPM D . 0.38 -30.71 -23.52
H32 SPM D . 2.11 -31.13 -23.70
H41 SPM D . 1.55 -33.53 -23.65
H42 SPM D . -0.17 -33.13 -23.42
HN5 SPM D . -0.12 -32.01 -25.48
H61 SPM D . 0.73 -34.77 -25.40
H62 SPM D . -0.93 -34.12 -25.32
H71 SPM D . -0.82 -33.38 -27.61
H72 SPM D . 0.91 -33.77 -27.72
H81 SPM D . 0.34 -36.17 -27.23
H82 SPM D . -1.39 -35.74 -27.26
H91 SPM D . -1.23 -35.06 -29.58
H92 SPM D . 0.53 -35.26 -29.56
HN0 SPM D . -1.53 -37.28 -29.38
H111 SPM D . 0.52 -36.55 -31.26
H112 SPM D . 0.00 -38.25 -31.15
H121 SPM D . -2.29 -37.65 -31.62
H122 SPM D . -1.94 -35.91 -31.47
H131 SPM D . -0.67 -35.88 -33.46
H132 SPM D . -0.46 -37.64 -33.47
HN41 SPM D . -3.07 -36.38 -33.66
HN42 SPM D . -2.66 -37.92 -33.98
CAA Y01 E . -14.31 -35.06 -21.92
CBA Y01 E . -13.32 -34.62 -20.83
CAB Y01 E . -11.91 -34.68 -21.43
CAN Y01 E . -13.66 -33.22 -20.24
CAJ Y01 E . -14.98 -33.11 -19.45
CAO Y01 E . -15.42 -31.70 -19.05
CBB Y01 E . -14.42 -30.96 -18.13
CAC Y01 E . -14.09 -29.56 -18.68
CBE Y01 E . -15.01 -30.93 -16.70
CAP Y01 E . -14.97 -32.29 -15.94
CAQ Y01 E . -14.63 -32.03 -14.50
CBG Y01 E . -14.95 -30.55 -14.45
CBI Y01 E . -14.27 -29.98 -15.72
CAE Y01 E . -12.71 -30.07 -15.76
CAU Y01 E . -14.60 -28.49 -15.84
CAS Y01 E . -14.12 -27.80 -14.58
CBF Y01 E . -14.82 -28.38 -13.37
CBD Y01 E . -14.43 -29.84 -13.22
CAK Y01 E . -15.21 -30.46 -12.05
CAI Y01 E . -14.78 -29.72 -10.85
CAZ Y01 E . -14.56 -28.39 -10.79
CAV Y01 E . -14.64 -27.53 -9.51
CBH Y01 E . -14.46 -27.61 -12.07
CAD Y01 E . -12.96 -27.26 -12.09
CAT Y01 E . -15.33 -26.36 -11.98
CAR Y01 E . -15.15 -25.48 -10.77
CBC Y01 E . -15.50 -26.21 -9.49
OAW Y01 E . -15.27 -25.30 -8.38
CAY Y01 E . -16.24 -25.03 -7.41
OAG Y01 E . -16.96 -25.97 -7.14
CAM Y01 E . -16.45 -23.65 -6.68
CAL Y01 E . -17.11 -23.74 -5.29
CAX Y01 E . -16.14 -23.58 -4.03
OAH Y01 E . -16.65 -23.42 -2.92
OAF Y01 E . -14.91 -23.64 -4.26
HAA1 Y01 E . -15.20 -35.25 -21.57
HAA2 Y01 E . -14.47 -34.39 -22.60
HAA3 Y01 E . -14.04 -35.84 -22.41
HBA Y01 E . -13.37 -35.28 -20.12
HAB1 Y01 E . -11.63 -35.57 -21.67
HAB2 Y01 E . -11.80 -34.14 -22.23
HAB3 Y01 E . -11.21 -34.35 -20.83
HAN1 Y01 E . -13.67 -32.56 -20.95
HAN2 Y01 E . -12.93 -32.93 -19.67
HAJ1 Y01 E . -15.69 -33.52 -19.96
HAJ2 Y01 E . -14.91 -33.65 -18.64
HAO1 Y01 E . -15.61 -31.13 -19.81
HAO2 Y01 E . -16.28 -31.75 -18.59
HBB Y01 E . -13.59 -31.46 -18.06
HAC1 Y01 E . -13.95 -29.50 -19.64
HAC2 Y01 E . -14.78 -28.90 -18.52
HAC3 Y01 E . -13.27 -29.19 -18.30
HBE Y01 E . -15.93 -30.63 -16.74
HAP1 Y01 E . -15.81 -32.76 -15.96
HAP2 Y01 E . -14.29 -32.88 -16.33
HAQ1 Y01 E . -13.71 -32.22 -14.24
HAQ2 Y01 E . -15.10 -32.52 -13.82
HBG Y01 E . -15.91 -30.45 -14.39
HBD Y01 E . -13.50 -30.08 -13.15
HAE1 Y01 E . -12.29 -29.33 -16.22
HAE2 Y01 E . -12.36 -30.91 -16.11
HAE3 Y01 E . -12.27 -30.00 -14.91
HAU1 Y01 E . -15.53 -28.27 -15.97
HAU2 Y01 E . -14.07 -28.12 -16.56
HAS1 Y01 E . -14.21 -26.86 -14.79
HAS2 Y01 E . -13.17 -27.93 -14.52
HBF Y01 E . -15.77 -28.39 -13.61
HAK1 Y01 E . -16.15 -30.45 -12.27
HAK2 Y01 E . -15.04 -31.39 -12.09
HAI Y01 E . -14.78 -30.31 -10.14
HAV1 Y01 E . -14.92 -28.09 -8.78
HAV2 Y01 E . -13.72 -27.27 -9.34
HBC Y01 E . -16.44 -26.45 -9.55
HAD1 Y01 E . -12.70 -27.00 -11.20
HAD2 Y01 E . -12.35 -28.00 -12.27
HAD3 Y01 E . -12.72 -26.50 -12.66
HAT1 Y01 E . -15.20 -25.81 -12.77
HAT2 Y01 E . -16.26 -26.64 -12.04
HAR1 Y01 E . -15.73 -24.70 -10.84
HAR2 Y01 E . -14.25 -25.09 -10.74
HAM1 Y01 E . -15.60 -23.21 -6.55
HAM2 Y01 E . -16.98 -23.02 -7.21
HAL1 Y01 E . -17.58 -24.57 -5.17
HAL2 Y01 E . -17.80 -23.06 -5.17
CAA Y01 F . -10.03 -24.61 -18.17
CBA Y01 F . -11.32 -24.29 -17.41
CAB Y01 F . -12.23 -25.51 -17.50
CAN Y01 F . -11.06 -23.86 -15.95
CAJ Y01 F . -12.23 -23.19 -15.20
CAO Y01 F . -11.99 -22.88 -13.71
CBB Y01 F . -13.10 -22.05 -13.05
CAC Y01 F . -14.43 -22.79 -12.99
CBE Y01 F . -12.62 -21.62 -11.64
CAP Y01 F . -11.37 -20.70 -11.63
CAQ Y01 F . -11.59 -19.60 -10.63
CBG Y01 F . -12.69 -20.23 -9.81
CBI Y01 F . -13.67 -20.81 -10.84
CAE Y01 F . -14.49 -19.78 -11.70
CAU Y01 F . -14.72 -21.64 -10.10
CAS Y01 F . -15.44 -20.73 -9.14
CBF Y01 F . -14.48 -20.04 -8.17
CBD Y01 F . -13.42 -19.24 -8.94
CAK Y01 F . -12.37 -18.70 -7.97
CAI Y01 F . -13.09 -17.89 -6.95
CAZ Y01 F . -14.28 -18.21 -6.42
CAV Y01 F . -14.94 -17.54 -5.21
CBH Y01 F . -15.19 -19.07 -7.22
CAD Y01 F . -15.97 -18.00 -8.03
CAT Y01 F . -16.12 -19.86 -6.29
CAR Y01 F . -16.86 -19.08 -5.20
CBC Y01 F . -15.86 -18.38 -4.27
OAW Y01 F . -16.63 -17.64 -3.29
CAY Y01 F . -16.16 -17.39 -1.98
OAG Y01 F . -15.02 -17.75 -1.80
CAM Y01 F . -16.97 -16.74 -0.82
CAL Y01 F . -16.60 -17.27 0.59
CAX Y01 F . -16.90 -16.29 1.80
OAH Y01 F . -16.91 -15.07 1.56
OAF Y01 F . -17.10 -16.81 2.92
HAA1 Y01 F . -9.41 -25.16 -17.68
HAA2 Y01 F . -9.51 -23.82 -18.40
HAA3 Y01 F . -10.17 -25.05 -19.02
HBA Y01 F . -11.76 -23.57 -17.88
HAB1 Y01 F . -13.02 -25.44 -16.94
HAB2 Y01 F . -11.80 -26.35 -17.24
HAB3 Y01 F . -12.58 -25.69 -18.39
HAN1 Y01 F . -10.29 -23.26 -15.93
HAN2 Y01 F . -10.75 -24.61 -15.43
HAJ1 Y01 F . -12.47 -22.36 -15.63
HAJ2 Y01 F . -13.01 -23.75 -15.26
HAO1 Y01 F . -11.86 -23.69 -13.17
HAO2 Y01 F . -11.15 -22.42 -13.61
HBB Y01 F . -13.24 -21.22 -13.53
HAC1 Y01 F . -14.57 -23.36 -12.23
HAC2 Y01 F . -15.21 -22.20 -12.97
HAC3 Y01 F . -14.58 -23.38 -13.75
HBE Y01 F . -12.42 -22.41 -11.12
HAP1 Y01 F . -10.56 -21.17 -11.38
HAP2 Y01 F . -11.23 -20.31 -12.50
HAQ1 Y01 F . -11.83 -18.74 -10.99
HAQ2 Y01 F . -10.84 -19.34 -10.07
HBG Y01 F . -12.30 -20.84 -9.18
HBD Y01 F . -13.70 -18.53 -9.52
HAE1 Y01 F . -15.29 -20.15 -12.08
HAE2 Y01 F . -13.98 -19.33 -12.40
HAE3 Y01 F . -14.88 -19.04 -11.22
HAU1 Y01 F . -14.39 -22.40 -9.60
HAU2 Y01 F . -15.39 -21.91 -10.75
HAS1 Y01 F . -16.14 -21.30 -8.78
HAS2 Y01 F . -15.94 -20.08 -9.64
HBF Y01 F . -13.99 -20.76 -7.74
HAK1 Y01 F . -11.83 -19.43 -7.66
HAK2 Y01 F . -11.72 -18.25 -8.52
HAI Y01 F . -12.61 -17.10 -6.84
HAV1 Y01 F . -14.24 -17.13 -4.67
HAV2 Y01 F . -15.47 -16.82 -5.59
HBC Y01 F . -15.34 -19.08 -3.84
HAD1 Y01 F . -15.58 -17.14 -7.81
HAD2 Y01 F . -15.84 -18.02 -8.99
HAD3 Y01 F . -16.92 -17.93 -7.83
HAT1 Y01 F . -16.80 -20.32 -6.81
HAT2 Y01 F . -15.60 -20.56 -5.88
HAR1 Y01 F . -17.38 -19.69 -4.68
HAR2 Y01 F . -17.50 -18.46 -5.58
HAM1 Y01 F . -16.82 -15.77 -0.80
HAM2 Y01 F . -17.93 -16.83 -0.92
HAL1 Y01 F . -15.67 -17.50 0.64
HAL2 Y01 F . -17.07 -18.09 0.78
O12 PC1 G . -3.09 -11.88 -13.21
P PC1 G . -4.47 -11.28 -13.19
O14 PC1 G . -5.01 -10.60 -14.41
O13 PC1 G . -4.57 -10.24 -11.96
O11 PC1 G . -5.51 -12.44 -12.76
C1 PC1 G . -6.92 -12.20 -12.79
C2 PC1 G . -7.63 -13.56 -12.82
O21 PC1 G . -6.81 -14.45 -13.59
C21 PC1 G . -7.45 -15.68 -14.01
O22 PC1 G . -8.23 -15.64 -14.94
C22 PC1 G . -7.15 -16.98 -13.30
C23 PC1 G . -7.84 -18.15 -13.99
C24 PC1 G . -8.19 -19.24 -12.99
C25 PC1 G . -8.46 -20.57 -13.68
C26 PC1 G . -7.20 -21.41 -13.81
C27 PC1 G . -7.54 -22.89 -13.71
C28 PC1 G . -6.40 -23.75 -14.20
C29 PC1 G . -5.94 -24.72 -13.13
C2A PC1 G . -4.85 -25.65 -13.67
C3 PC1 G . -9.02 -13.37 -13.39
O31 PC1 G . -9.79 -14.56 -13.22
C31 PC1 G . -11.17 -14.64 -13.68
O32 PC1 G . -12.05 -14.10 -13.02
C32 PC1 G . -11.48 -15.34 -14.98
C33 PC1 G . -12.49 -16.46 -14.77
C34 PC1 G . -12.42 -17.44 -15.92
C35 PC1 G . -13.59 -18.41 -15.89
C36 PC1 G . -13.92 -18.92 -17.29
C37 PC1 G . -12.73 -19.62 -17.91
C38 PC1 G . -13.20 -20.71 -18.88
H11 PC1 G . -7.22 -11.64 -11.90
H12 PC1 G . -7.18 -11.63 -13.68
H2 PC1 G . -7.71 -13.93 -11.79
H221 PC1 G . -7.48 -16.92 -12.26
H222 PC1 G . -6.07 -17.15 -13.30
H231 PC1 G . -7.19 -18.56 -14.76
H232 PC1 G . -8.76 -17.82 -14.48
H241 PC1 G . -9.08 -18.94 -12.43
H242 PC1 G . -7.37 -19.35 -12.27
H251 PC1 G . -8.88 -20.38 -14.67
H252 PC1 G . -9.20 -21.13 -13.11
H261 PC1 G . -6.49 -21.15 -13.03
H262 PC1 G . -6.74 -21.21 -14.78
H271 PC1 G . -8.44 -23.10 -14.30
H272 PC1 G . -7.76 -23.13 -12.67
H281 PC1 G . -5.55 -23.11 -14.49
H282 PC1 G . -6.71 -24.31 -15.09
H291 PC1 G . -6.78 -25.32 -12.79
H292 PC1 G . -5.56 -24.16 -12.27
H2A1 PC1 G . -4.04 -25.71 -12.94
H2A2 PC1 G . -4.44 -25.23 -14.60
H31 PC1 G . -9.52 -12.55 -12.89
H32 PC1 G . -8.95 -13.14 -14.46
H321 PC1 G . -11.88 -14.61 -15.69
H322 PC1 G . -10.56 -15.76 -15.40
H331 PC1 G . -13.49 -16.03 -14.69
H332 PC1 G . -12.27 -16.98 -13.83
H341 PC1 G . -12.42 -16.89 -16.87
H342 PC1 G . -11.49 -18.00 -15.87
H351 PC1 G . -14.47 -17.91 -15.47
H352 PC1 G . -13.35 -19.25 -15.25
H361 PC1 G . -14.22 -18.08 -17.92
H362 PC1 G . -14.76 -19.61 -17.23
H371 PC1 G . -12.11 -20.07 -17.13
H372 PC1 G . -12.12 -18.90 -18.46
H381 PC1 G . -12.44 -20.85 -19.66
H382 PC1 G . -14.12 -20.40 -19.36
O1B LMT H . -11.27 -43.18 -30.43
C1' LMT H . -14.07 -40.78 -28.60
C2' LMT H . -14.66 -41.88 -29.51
C3' LMT H . -13.57 -42.92 -29.88
C4' LMT H . -12.30 -42.23 -30.40
C5' LMT H . -11.94 -41.15 -29.36
C6' LMT H . -10.63 -40.47 -29.61
O1' LMT H . -14.99 -39.78 -28.41
O2' LMT H . -15.66 -42.52 -28.82
O3' LMT H . -14.04 -43.80 -30.81
O5' LMT H . -12.96 -40.20 -29.24
O6' LMT H . -10.91 -39.13 -29.69
C1 LMT H . -14.61 -38.81 -27.46
C2 LMT H . -15.01 -39.38 -26.13
C3 LMT H . -15.19 -38.41 -25.02
C4 LMT H . -15.20 -39.17 -23.72
C5 LMT H . -13.91 -39.00 -22.99
C6 LMT H . -14.08 -39.19 -21.51
C7 LMT H . -12.75 -39.05 -20.83
C8 LMT H . -12.97 -38.77 -19.37
C9 LMT H . -12.25 -39.70 -18.45
C10 LMT H . -11.81 -38.92 -17.25
C11 LMT H . -11.08 -39.78 -16.27
C12 LMT H . -10.70 -39.03 -15.05
H1' LMT H . -13.79 -41.21 -27.78
H2' LMT H . -14.94 -41.45 -30.34
H3' LMT H . -13.31 -43.34 -29.04
H4' LMT H . -12.49 -41.81 -31.26
H5' LMT H . -11.82 -41.65 -28.52
H6D LMT H . -10.01 -40.69 -28.88
H6E LMT H . -10.19 -40.86 -30.38
H2O2 LMT H . -15.61 -43.34 -29.03
H3O2 LMT H . -14.53 -44.35 -30.37
H6' LMT H . -10.15 -38.74 -29.66
H12 LMT H . -15.01 -37.95 -27.60
H11 LMT H . -13.66 -38.64 -27.52
H22 LMT H . -14.33 -40.03 -25.87
H21 LMT H . -15.83 -39.89 -26.25
H32 LMT H . -16.01 -37.90 -25.11
H31 LMT H . -14.48 -37.74 -25.02
H42 LMT H . -15.38 -40.11 -23.89
H41 LMT H . -15.94 -38.87 -23.17
H52 LMT H . -13.55 -38.13 -23.15
H51 LMT H . -13.26 -39.63 -23.33
H62 LMT H . -14.47 -40.06 -21.32
H61 LMT H . -14.72 -38.55 -21.16
H72 LMT H . -12.24 -38.33 -21.24
H71 LMT H . -12.22 -39.85 -20.95
H82 LMT H . -13.92 -38.80 -19.18
H81 LMT H . -12.70 -37.86 -19.18
H92 LMT H . -11.48 -40.11 -18.88
H91 LMT H . -12.82 -40.45 -18.20
H102 LMT H . -12.58 -38.52 -16.82
H101 LMT H . -11.26 -38.18 -17.52
H112 LMT H . -10.28 -40.14 -16.70
H111 LMT H . -11.62 -40.55 -16.04
H123 LMT H . -9.94 -39.44 -14.60
H122 LMT H . -11.43 -39.02 -14.39
H121 LMT H . -10.47 -38.12 -15.26
O1' LMT I . -11.56 -36.70 -30.11
C1 LMT I . -11.14 -36.24 -28.85
C2 LMT I . -12.30 -35.44 -28.32
C3 LMT I . -12.59 -35.59 -26.87
C4 LMT I . -13.59 -34.53 -26.49
C5 LMT I . -12.90 -33.38 -25.85
C6 LMT I . -13.86 -32.36 -25.33
C7 LMT I . -13.15 -31.33 -24.52
C8 LMT I . -14.05 -30.16 -24.34
C9 LMT I . -13.79 -29.34 -23.11
C10 LMT I . -12.89 -28.18 -23.46
C11 LMT I . -13.32 -26.92 -22.77
C12 LMT I . -13.74 -25.87 -23.75
H12 LMT I . -10.33 -35.71 -28.86
H11 LMT I . -10.91 -36.99 -28.27
H22 LMT I . -13.09 -35.70 -28.82
H21 LMT I . -12.14 -34.51 -28.53
H32 LMT I . -11.80 -35.51 -26.32
H31 LMT I . -12.96 -36.46 -26.67
H42 LMT I . -14.27 -34.89 -25.92
H41 LMT I . -14.07 -34.22 -27.28
H52 LMT I . -12.29 -32.96 -26.48
H51 LMT I . -12.34 -33.70 -25.12
H62 LMT I . -14.56 -32.78 -24.82
H61 LMT I . -14.33 -31.93 -26.07
H72 LMT I . -12.33 -31.07 -24.95
H71 LMT I . -12.88 -31.71 -23.67
H82 LMT I . -14.98 -30.48 -24.32
H81 LMT I . -14.01 -29.60 -25.12
H92 LMT I . -13.38 -29.88 -22.41
H91 LMT I . -14.63 -29.04 -22.72
H102 LMT I . -12.88 -28.03 -24.41
H101 LMT I . -11.98 -28.39 -23.23
H112 LMT I . -12.60 -26.59 -22.23
H111 LMT I . -14.05 -27.11 -22.16
H123 LMT I . -14.02 -25.06 -23.29
H122 LMT I . -14.48 -26.16 -24.30
H121 LMT I . -12.99 -25.64 -24.33
O1' LMT J . -21.22 -30.80 2.00
C1 LMT J . -20.87 -30.04 0.86
C2 LMT J . -20.67 -31.04 -0.22
C3 LMT J . -20.37 -30.49 -1.58
C4 LMT J . -20.00 -31.64 -2.47
C5 LMT J . -19.56 -31.12 -3.80
C6 LMT J . -19.17 -32.21 -4.73
C7 LMT J . -18.15 -31.69 -5.72
C8 LMT J . -17.74 -32.81 -6.62
C9 LMT J . -16.86 -32.40 -7.75
C10 LMT J . -16.73 -33.59 -8.66
C11 LMT J . -15.61 -33.41 -9.63
C12 LMT J . -15.57 -34.50 -10.65
H12 LMT J . -20.08 -29.48 0.98
H11 LMT J . -21.57 -29.40 0.66
H22 LMT J . -21.46 -31.59 -0.29
H21 LMT J . -19.95 -31.64 0.04
H32 LMT J . -19.66 -29.84 -1.56
H31 LMT J . -21.14 -30.03 -1.94
H42 LMT J . -20.73 -32.25 -2.56
H41 LMT J . -19.28 -32.16 -2.06
H52 LMT J . -18.82 -30.51 -3.68
H51 LMT J . -20.28 -30.59 -4.19
H62 LMT J . -19.94 -32.56 -5.20
H61 LMT J . -18.81 -32.97 -4.25
H72 LMT J . -17.39 -31.33 -5.25
H71 LMT J . -18.53 -30.96 -6.22
H82 LMT J . -18.53 -33.24 -6.97
H81 LMT J . -17.30 -33.50 -6.09
H92 LMT J . -15.98 -32.11 -7.42
H91 LMT J . -17.22 -31.63 -8.21
H102 LMT J . -17.56 -33.73 -9.13
H101 LMT J . -16.60 -34.39 -8.14
H112 LMT J . -14.77 -33.38 -9.14
H111 LMT J . -15.69 -32.55 -10.07
H123 LMT J . -14.78 -34.43 -11.20
H122 LMT J . -15.55 -35.37 -10.23
H121 LMT J . -16.35 -34.46 -11.22
O21 PC1 K . -11.13 -58.43 -5.03
C21 PC1 K . -11.99 -58.65 -6.19
O22 PC1 K . -12.67 -59.66 -6.23
C22 PC1 K . -12.03 -57.64 -7.31
C23 PC1 K . -12.66 -56.33 -6.83
C24 PC1 K . -11.84 -55.69 -5.73
C25 PC1 K . -12.20 -54.23 -5.53
C26 PC1 K . -11.28 -53.60 -4.48
C27 PC1 K . -11.35 -52.08 -4.49
C28 PC1 K . -9.98 -51.46 -4.72
C29 PC1 K . -9.91 -50.05 -4.17
C2A PC1 K . -8.75 -49.28 -4.78
C2B PC1 K . -8.35 -48.10 -3.89
C2C PC1 K . -7.58 -47.05 -4.68
C2D PC1 K . -7.27 -45.84 -3.79
C2E PC1 K . -6.81 -44.66 -4.64
C2F PC1 K . -6.22 -43.56 -3.76
C2G PC1 K . -6.01 -42.28 -4.57
C2H PC1 K . -6.88 -41.14 -4.06
C2I PC1 K . -6.21 -40.39 -2.92
H221 PC1 K . -12.61 -58.04 -8.14
H222 PC1 K . -11.02 -57.45 -7.67
H231 PC1 K . -13.67 -56.53 -6.46
H232 PC1 K . -12.74 -55.64 -7.68
H241 PC1 K . -10.77 -55.77 -5.98
H242 PC1 K . -12.00 -56.23 -4.79
H251 PC1 K . -13.23 -54.15 -5.19
H252 PC1 K . -12.11 -53.69 -6.47
H261 PC1 K . -10.25 -53.92 -4.68
H262 PC1 K . -11.55 -53.97 -3.49
H271 PC1 K . -11.76 -51.73 -3.54
H272 PC1 K . -12.02 -51.76 -5.28
H281 PC1 K . -9.75 -51.45 -5.79
H282 PC1 K . -9.21 -52.07 -4.23
H291 PC1 K . -9.79 -50.08 -3.08
H292 PC1 K . -10.85 -49.53 -4.39
H2A1 PC1 K . -9.03 -48.91 -5.76
H2A2 PC1 K . -7.89 -49.95 -4.89
H2B1 PC1 K . -7.72 -48.46 -3.07
H2B2 PC1 K . -9.25 -47.66 -3.45
H2C1 PC1 K . -8.18 -46.73 -5.53
H2C2 PC1 K . -6.66 -47.47 -5.05
H2D1 PC1 K . -6.50 -46.11 -3.08
H2D2 PC1 K . -8.16 -45.56 -3.23
H2E1 PC1 K . -7.66 -44.26 -5.19
H2E2 PC1 K . -6.06 -45.00 -5.35
H2F1 PC1 K . -5.25 -43.89 -3.36
H2F2 PC1 K . -6.88 -43.36 -2.91
H2G1 PC1 K . -6.25 -42.48 -5.62
H2G2 PC1 K . -4.97 -41.98 -4.52
H2H1 PC1 K . -7.84 -41.53 -3.72
H2H2 PC1 K . -7.08 -40.44 -4.89
H2I1 PC1 K . -5.49 -39.74 -3.33
H2I2 PC1 K . -5.73 -41.09 -2.28
H2I3 PC1 K . -6.93 -39.84 -2.39
CAA Y01 L . -12.59 -46.59 -4.43
CBA Y01 L . -12.37 -45.10 -4.09
CAB Y01 L . -13.63 -44.58 -3.40
CAN Y01 L . -11.07 -44.85 -3.26
CAJ Y01 L . -11.18 -43.86 -2.07
CAO Y01 L . -9.84 -43.52 -1.37
CBB Y01 L . -10.01 -42.92 0.05
CAC Y01 L . -9.62 -43.94 1.14
CBE Y01 L . -9.17 -41.63 0.17
CAP Y01 L . -9.39 -40.53 -0.90
CAQ Y01 L . -8.86 -39.23 -0.31
CBG Y01 L . -8.46 -39.70 1.08
CBI Y01 L . -9.44 -40.81 1.44
CAE Y01 L . -10.93 -40.37 1.65
CAU Y01 L . -9.01 -41.46 2.77
CAS Y01 L . -8.95 -40.39 3.84
CBF Y01 L . -8.12 -39.17 3.44
CBD Y01 L . -8.56 -38.59 2.09
CAK Y01 L . -7.55 -37.54 1.58
CAI Y01 L . -7.10 -36.72 2.72
CAZ Y01 L . -7.61 -36.74 3.97
CAV Y01 L . -7.35 -35.71 5.07
CBH Y01 L . -8.24 -38.01 4.45
CAD Y01 L . -9.72 -37.55 4.57
CAT Y01 L . -7.67 -38.41 5.81
CAR Y01 L . -7.61 -37.33 6.89
CBC Y01 L . -6.75 -36.15 6.44
OAW Y01 L . -6.75 -35.15 7.50
CAY Y01 L . -5.66 -34.97 8.37
OAG Y01 L . -4.77 -35.79 8.25
CAM Y01 L . -5.51 -33.81 9.43
CAL Y01 L . -4.84 -32.52 8.89
CAX Y01 L . -5.77 -31.23 8.78
OAH Y01 L . -6.21 -30.93 7.64
OAF Y01 L . -6.00 -30.59 9.82
HAA1 Y01 L . -11.87 -46.98 -4.97
HAA2 Y01 L . -13.39 -46.78 -4.94
HAA3 Y01 L . -12.65 -47.17 -3.65
HBA Y01 L . -12.29 -44.63 -4.94
HAB1 Y01 L . -13.64 -43.62 -3.28
HAB2 Y01 L . -13.79 -44.96 -2.51
HAB3 Y01 L . -14.46 -44.77 -3.88
HAN1 Y01 L . -10.37 -44.55 -3.86
HAN2 Y01 L . -10.75 -45.70 -2.92
HAJ1 Y01 L . -11.58 -43.03 -2.37
HAJ2 Y01 L . -11.79 -44.20 -1.40
HAO1 Y01 L . -9.25 -44.27 -1.32
HAO2 Y01 L . -9.34 -42.90 -1.93
HBB Y01 L . -10.92 -42.64 0.20
HAC1 Y01 L . -8.72 -43.85 1.52
HAC2 Y01 L . -10.19 -43.91 1.92
HAC3 Y01 L . -9.65 -44.86 0.83
HBE Y01 L . -8.23 -41.86 0.18
HAP1 Y01 L . -8.92 -40.70 -1.73
HAP2 Y01 L . -10.33 -40.43 -1.10
HAQ1 Y01 L . -9.49 -38.49 -0.30
HAQ2 Y01 L . -8.11 -38.79 -0.76
HBG Y01 L . -7.51 -39.93 1.08
HBD Y01 L . -9.45 -38.23 1.99
HAE1 Y01 L . -11.52 -41.10 1.90
HAE2 Y01 L . -11.32 -39.88 0.92
HAE3 Y01 L . -11.10 -39.78 2.41
HAU1 Y01 L . -8.15 -41.91 2.75
HAU2 Y01 L . -9.71 -42.07 3.03
HAS1 Y01 L . -8.69 -40.88 4.63
HAS2 Y01 L . -9.85 -40.12 4.05
HBF Y01 L . -7.22 -39.49 3.29
HAK1 Y01 L . -6.86 -37.99 1.06
HAK2 Y01 L . -8.01 -37.11 0.85
HAI Y01 L . -6.37 -36.21 2.42
HAV1 Y01 L . -6.80 -35.00 4.71
HAV2 Y01 L . -8.23 -35.33 5.25
HBC Y01 L . -5.86 -36.50 6.29
HAD1 Y01 L . -9.77 -36.65 4.22
HAD2 Y01 L . -10.35 -38.01 4.01
HAD3 Y01 L . -10.05 -37.51 5.49
HAT1 Y01 L . -8.17 -39.15 6.18
HAT2 Y01 L . -6.77 -38.77 5.67
HAR1 Y01 L . -7.22 -37.70 7.69
HAR2 Y01 L . -8.50 -37.06 7.16
HAM1 Y01 L . -6.39 -33.56 9.76
HAM2 Y01 L . -5.01 -34.08 10.22
HAL1 Y01 L . -4.46 -32.67 8.01
HAL2 Y01 L . -4.09 -32.26 9.43
#